data_6ZRC
#
_entry.id   6ZRC
#
_cell.length_a   71.960
_cell.length_b   96.325
_cell.length_c   149.300
_cell.angle_alpha   90.000
_cell.angle_beta   90.010
_cell.angle_gamma   90.000
#
_symmetry.space_group_name_H-M   'C 1 2 1'
#
loop_
_entity.id
_entity.type
_entity.pdbx_description
1 polymer 'Histone-binding protein RBBP4'
2 polymer 'macrocyclic peptide based on residues 659-672 of the metastasis-associated protein MTA1'
3 non-polymer PARA-XYLENE
4 water water
#
loop_
_entity_poly.entity_id
_entity_poly.type
_entity_poly.pdbx_seq_one_letter_code
_entity_poly.pdbx_strand_id
1 'polypeptide(L)'
;GPMADKEAAFDDAVEERVINEEYKIWKKNTPFLYDLVMTHALEWPSLTAQWLPDVTRPEGKDFSIHRLVLGTHTSDEQNH
LVIASVQLPNDDAQFDASHYDSEKGEFGGFGSVSGKIEIEIKINHEGEVNRARYMPQNPCIIATKTPSSDVLVFDYTKHP
SKPDPSGECNPDLRLRGHQKEGYGLSWNPNLSGHLLSASDDHTICLWDISAVPKEGKVVDAKTIFTGHTAVVEDVSWHLL
HESLFGSVADDQKLMIWDTRSNNTSKPSHSVDAHTAEVNCLSFNPYSEFILATGSADKTVALWDLRNLKLKLHSFESHKD
EIFQVQWSPHNETILASSGTDRRLNVWDLSKIGEEQSPEDAEDGPPELLFIHGGHTAKISDFSWNPNEPWVICSVSEDNI
MQVWQMAENIYNDEDPEGSVDPEGQGS
;
A,B
2 'polypeptide(L)' (ACE)CTKRAARRPYKPCA(NH2) P,Q
#
# COMPACT_ATOMS: atom_id res chain seq x y z
N ASP A 12 -12.91 14.01 14.71
CA ASP A 12 -13.01 12.65 15.22
C ASP A 12 -13.75 11.76 14.23
N ALA A 13 -14.87 12.29 13.70
CA ALA A 13 -15.64 11.56 12.70
C ALA A 13 -14.96 11.56 11.36
N VAL A 14 -14.21 12.63 11.07
CA VAL A 14 -13.39 12.69 9.87
C VAL A 14 -12.11 11.85 9.97
N GLU A 15 -11.71 11.46 11.19
CA GLU A 15 -10.52 10.61 11.36
C GLU A 15 -10.79 9.16 10.96
N GLU A 16 -12.03 8.67 11.14
CA GLU A 16 -12.42 7.35 10.68
C GLU A 16 -12.48 7.27 9.15
N ARG A 17 -12.80 8.38 8.48
CA ARG A 17 -12.85 8.43 7.02
C ARG A 17 -11.44 8.39 6.42
N VAL A 18 -10.44 8.90 7.15
CA VAL A 18 -9.02 8.77 6.78
C VAL A 18 -8.59 7.32 6.86
N ILE A 19 -9.09 6.59 7.88
CA ILE A 19 -8.87 5.16 8.03
C ILE A 19 -9.64 4.36 6.97
N ASN A 20 -10.85 4.83 6.62
CA ASN A 20 -11.68 4.14 5.62
C ASN A 20 -11.14 4.31 4.19
N GLU A 21 -10.50 5.44 3.88
CA GLU A 21 -9.95 5.64 2.54
C GLU A 21 -8.58 4.97 2.39
N GLU A 22 -7.77 4.97 3.45
CA GLU A 22 -6.45 4.36 3.38
C GLU A 22 -6.51 2.85 3.48
N TYR A 23 -7.63 2.29 3.94
CA TYR A 23 -7.92 0.88 3.75
C TYR A 23 -8.11 0.55 2.27
N LYS A 24 -8.74 1.45 1.52
CA LYS A 24 -9.06 1.19 0.12
C LYS A 24 -7.85 1.25 -0.77
N ILE A 25 -6.85 2.06 -0.41
CA ILE A 25 -5.60 2.11 -1.18
C ILE A 25 -4.78 0.85 -0.92
N TRP A 26 -4.85 0.32 0.32
CA TRP A 26 -4.24 -0.95 0.71
C TRP A 26 -4.81 -2.14 -0.06
N LYS A 27 -6.13 -2.14 -0.30
CA LYS A 27 -6.80 -3.22 -1.01
C LYS A 27 -6.45 -3.23 -2.48
N LYS A 28 -6.20 -2.02 -3.02
CA LYS A 28 -5.59 -1.85 -4.34
C LYS A 28 -4.12 -2.27 -4.32
N ASN A 29 -3.44 -2.10 -3.18
CA ASN A 29 -2.01 -2.42 -3.06
C ASN A 29 -1.73 -3.88 -2.78
N THR A 30 -2.76 -4.63 -2.38
CA THR A 30 -2.70 -6.05 -1.98
C THR A 30 -2.05 -7.07 -2.94
N PRO A 31 -2.31 -7.13 -4.28
CA PRO A 31 -1.61 -8.18 -5.08
C PRO A 31 -0.15 -7.89 -5.40
N PHE A 32 0.31 -6.66 -5.20
CA PHE A 32 1.74 -6.41 -5.27
C PHE A 32 2.47 -6.68 -3.96
N LEU A 33 1.79 -6.62 -2.81
CA LEU A 33 2.47 -6.63 -1.53
C LEU A 33 2.36 -7.94 -0.78
N TYR A 34 1.51 -8.86 -1.22
CA TYR A 34 1.22 -10.08 -0.50
C TYR A 34 1.26 -11.26 -1.47
N ASP A 35 1.69 -12.41 -0.96
CA ASP A 35 1.49 -13.66 -1.68
C ASP A 35 0.24 -14.38 -1.20
N LEU A 36 -0.42 -13.86 -0.17
CA LEU A 36 -1.57 -14.45 0.51
C LEU A 36 -2.26 -13.45 1.43
N VAL A 37 -3.56 -13.19 1.25
CA VAL A 37 -4.37 -12.45 2.21
C VAL A 37 -5.65 -13.24 2.42
N MET A 38 -5.91 -13.64 3.67
CA MET A 38 -7.21 -14.17 4.09
C MET A 38 -7.76 -13.25 5.18
N THR A 39 -9.06 -12.92 5.09
CA THR A 39 -9.73 -12.04 6.05
C THR A 39 -11.00 -12.71 6.52
N HIS A 40 -11.18 -12.82 7.85
CA HIS A 40 -12.33 -13.49 8.43
C HIS A 40 -12.88 -12.68 9.61
N ALA A 41 -14.16 -12.31 9.56
CA ALA A 41 -14.80 -11.73 10.73
C ALA A 41 -15.20 -12.84 11.67
N LEU A 42 -14.65 -12.82 12.88
CA LEU A 42 -15.09 -13.69 13.95
C LEU A 42 -16.42 -13.19 14.53
N GLU A 43 -17.04 -14.02 15.37
CA GLU A 43 -18.32 -13.65 15.95
C GLU A 43 -18.15 -12.64 17.08
N TRP A 44 -17.02 -12.68 17.77
CA TRP A 44 -16.66 -11.78 18.84
C TRP A 44 -15.19 -11.43 18.62
N PRO A 45 -14.72 -10.22 19.02
CA PRO A 45 -13.29 -9.90 18.84
C PRO A 45 -12.39 -10.68 19.78
N SER A 46 -11.15 -10.90 19.33
CA SER A 46 -10.16 -11.64 20.10
C SER A 46 -9.01 -10.73 20.54
N LEU A 47 -8.61 -10.91 21.79
CA LEU A 47 -7.41 -10.27 22.33
C LEU A 47 -6.18 -11.13 22.14
N THR A 48 -6.37 -12.34 21.65
CA THR A 48 -5.35 -13.37 21.73
C THR A 48 -5.32 -14.16 20.43
N ALA A 49 -4.11 -14.60 20.07
CA ALA A 49 -3.85 -15.30 18.81
C ALA A 49 -2.56 -16.09 18.97
N GLN A 50 -2.66 -17.41 18.86
CA GLN A 50 -1.44 -18.22 18.87
C GLN A 50 -1.67 -19.43 17.99
N TRP A 51 -0.67 -19.74 17.16
CA TRP A 51 -0.74 -20.86 16.24
C TRP A 51 -0.36 -22.12 16.99
N LEU A 52 -1.22 -23.16 16.90
CA LEU A 52 -0.90 -24.49 17.41
C LEU A 52 0.22 -25.12 16.57
N PRO A 53 1.15 -25.89 17.19
CA PRO A 53 2.39 -26.21 16.48
C PRO A 53 2.28 -27.32 15.45
N ASP A 54 1.15 -28.02 15.41
CA ASP A 54 0.94 -29.12 14.48
C ASP A 54 0.40 -28.60 13.15
N VAL A 55 0.91 -29.15 12.06
CA VAL A 55 0.30 -29.00 10.75
C VAL A 55 -0.19 -30.38 10.35
N THR A 56 -1.43 -30.45 9.87
CA THR A 56 -1.90 -31.65 9.20
C THR A 56 -2.07 -31.28 7.73
N ARG A 57 -1.05 -31.52 6.96
CA ARG A 57 -1.30 -31.67 5.54
C ARG A 57 -1.75 -33.10 5.27
N PRO A 58 -2.86 -33.30 4.59
CA PRO A 58 -2.94 -34.50 3.74
C PRO A 58 -1.99 -34.32 2.57
N GLU A 59 -1.54 -35.46 2.02
CA GLU A 59 -0.99 -35.45 0.68
C GLU A 59 -2.12 -35.09 -0.28
N GLY A 60 -1.81 -34.16 -1.19
CA GLY A 60 -2.79 -33.41 -1.94
C GLY A 60 -3.65 -32.46 -1.10
N LYS A 61 -4.85 -32.21 -1.65
CA LYS A 61 -6.00 -31.32 -1.45
C LYS A 61 -5.73 -29.91 -1.99
N ASP A 62 -4.48 -29.60 -2.42
CA ASP A 62 -3.83 -28.29 -2.62
C ASP A 62 -3.84 -27.40 -1.37
N PHE A 63 -3.94 -27.96 -0.15
CA PHE A 63 -3.82 -27.19 1.07
C PHE A 63 -3.27 -28.06 2.19
N SER A 64 -2.87 -27.38 3.26
CA SER A 64 -2.59 -27.95 4.55
C SER A 64 -3.47 -27.27 5.60
N ILE A 65 -3.81 -28.02 6.64
CA ILE A 65 -4.65 -27.55 7.74
C ILE A 65 -3.74 -27.11 8.88
N HIS A 66 -3.85 -25.85 9.28
CA HIS A 66 -3.15 -25.33 10.44
C HIS A 66 -4.17 -24.84 11.47
N ARG A 67 -3.76 -24.80 12.77
CA ARG A 67 -4.70 -24.50 13.84
C ARG A 67 -4.23 -23.32 14.68
N LEU A 68 -5.21 -22.58 15.23
CA LEU A 68 -5.02 -21.29 15.92
C LEU A 68 -5.85 -21.18 17.20
N VAL A 69 -5.29 -20.55 18.23
CA VAL A 69 -5.96 -20.42 19.54
C VAL A 69 -6.45 -18.98 19.75
N LEU A 70 -7.77 -18.82 19.84
CA LEU A 70 -8.45 -17.53 20.01
C LEU A 70 -9.23 -17.51 21.33
N GLY A 71 -9.86 -16.38 21.62
CA GLY A 71 -10.72 -16.24 22.77
C GLY A 71 -11.66 -15.09 22.52
N THR A 72 -12.69 -14.95 23.38
CA THR A 72 -13.61 -13.82 23.27
C THR A 72 -13.47 -12.99 24.54
N HIS A 73 -13.88 -11.72 24.50
CA HIS A 73 -13.69 -10.87 25.69
C HIS A 73 -14.95 -10.06 26.01
N THR A 74 -16.11 -10.68 25.96
CA THR A 74 -17.37 -9.95 26.10
C THR A 74 -17.98 -10.19 27.48
N SER A 75 -18.74 -9.21 27.94
CA SER A 75 -19.51 -9.32 29.17
C SER A 75 -20.98 -9.54 28.91
N ASP A 76 -21.40 -9.53 27.65
CA ASP A 76 -22.81 -9.64 27.33
C ASP A 76 -23.25 -11.07 27.08
N GLU A 77 -22.35 -11.92 26.60
CA GLU A 77 -22.70 -13.28 26.28
C GLU A 77 -21.79 -14.23 27.05
N GLN A 78 -22.08 -15.52 26.90
CA GLN A 78 -21.19 -16.59 27.35
C GLN A 78 -19.89 -16.54 26.56
N ASN A 79 -18.76 -16.43 27.28
CA ASN A 79 -17.47 -16.32 26.63
C ASN A 79 -16.99 -17.66 26.10
N HIS A 80 -15.99 -17.61 25.24
CA HIS A 80 -15.57 -18.82 24.55
C HIS A 80 -14.07 -18.86 24.34
N LEU A 81 -13.56 -20.08 24.34
CA LEU A 81 -12.22 -20.44 23.91
C LEU A 81 -12.36 -21.12 22.55
N VAL A 82 -11.65 -20.60 21.54
CA VAL A 82 -11.89 -20.96 20.15
C VAL A 82 -10.63 -21.59 19.56
N ILE A 83 -10.77 -22.79 18.96
CA ILE A 83 -9.79 -23.30 18.01
C ILE A 83 -10.33 -23.12 16.59
N ALA A 84 -9.61 -22.39 15.76
CA ALA A 84 -9.93 -22.26 14.34
C ALA A 84 -8.95 -23.08 13.47
N SER A 85 -9.50 -23.74 12.46
CA SER A 85 -8.71 -24.39 11.41
C SER A 85 -8.58 -23.45 10.21
N VAL A 86 -7.34 -23.24 9.74
CA VAL A 86 -7.04 -22.32 8.62
C VAL A 86 -6.32 -23.09 7.52
N GLN A 87 -6.95 -23.18 6.35
CA GLN A 87 -6.38 -23.87 5.19
C GLN A 87 -5.49 -22.93 4.38
N LEU A 88 -4.20 -23.25 4.28
CA LEU A 88 -3.22 -22.47 3.52
C LEU A 88 -2.79 -23.24 2.28
N PRO A 89 -2.73 -22.64 1.09
CA PRO A 89 -2.38 -23.41 -0.12
C PRO A 89 -0.90 -23.72 -0.23
N ASN A 90 -0.58 -24.55 -1.24
CA ASN A 90 0.79 -24.91 -1.62
C ASN A 90 0.92 -24.83 -3.14
N ASP A 91 0.76 -23.64 -3.71
CA ASP A 91 0.99 -23.49 -5.15
C ASP A 91 2.33 -22.82 -5.35
N GLY A 115 -8.71 -20.26 0.09
CA GLY A 115 -8.71 -21.13 1.26
C GLY A 115 -10.04 -21.16 2.00
N LYS A 116 -9.98 -21.49 3.28
CA LYS A 116 -11.15 -21.51 4.15
C LYS A 116 -10.70 -21.28 5.58
N ILE A 117 -11.45 -20.50 6.33
CA ILE A 117 -11.26 -20.42 7.78
C ILE A 117 -12.58 -20.79 8.44
N GLU A 118 -12.56 -21.90 9.18
CA GLU A 118 -13.70 -22.39 9.94
C GLU A 118 -13.31 -22.52 11.40
N ILE A 119 -14.34 -22.66 12.23
CA ILE A 119 -14.16 -22.79 13.68
C ILE A 119 -14.26 -24.26 14.03
N GLU A 120 -13.18 -24.81 14.58
CA GLU A 120 -13.16 -26.24 14.89
C GLU A 120 -13.81 -26.51 16.23
N ILE A 121 -13.25 -25.94 17.30
CA ILE A 121 -13.76 -26.12 18.66
C ILE A 121 -14.23 -24.77 19.21
N LYS A 122 -15.39 -24.78 19.88
CA LYS A 122 -15.79 -23.71 20.78
C LYS A 122 -16.05 -24.33 22.16
N ILE A 123 -15.39 -23.79 23.18
CA ILE A 123 -15.47 -24.28 24.56
C ILE A 123 -15.84 -23.12 25.47
N ASN A 124 -16.85 -23.31 26.33
CA ASN A 124 -17.29 -22.30 27.29
C ASN A 124 -16.25 -21.93 28.36
N HIS A 125 -15.65 -20.76 28.19
CA HIS A 125 -14.71 -20.18 29.14
C HIS A 125 -15.52 -19.32 30.11
N GLU A 126 -15.10 -19.29 31.36
CA GLU A 126 -15.77 -18.46 32.34
C GLU A 126 -14.98 -17.16 32.52
N GLY A 127 -15.63 -16.04 32.19
CA GLY A 127 -14.96 -14.76 32.19
C GLY A 127 -14.27 -14.51 30.87
N GLU A 128 -13.74 -13.29 30.76
CA GLU A 128 -13.14 -12.81 29.52
C GLU A 128 -11.77 -13.44 29.29
N VAL A 129 -11.44 -13.71 28.03
CA VAL A 129 -10.16 -14.30 27.65
C VAL A 129 -9.23 -13.15 27.27
N ASN A 130 -8.27 -12.86 28.14
CA ASN A 130 -7.29 -11.81 27.89
C ASN A 130 -6.11 -12.30 27.06
N ARG A 131 -5.61 -13.51 27.35
CA ARG A 131 -4.51 -14.11 26.62
C ARG A 131 -4.61 -15.63 26.76
N ALA A 132 -4.43 -16.35 25.65
CA ALA A 132 -4.54 -17.82 25.63
C ALA A 132 -3.30 -18.44 24.98
N ARG A 133 -2.57 -19.25 25.76
CA ARG A 133 -1.35 -19.89 25.29
C ARG A 133 -1.39 -21.41 25.55
N TYR A 134 -0.87 -22.20 24.61
CA TYR A 134 -0.79 -23.65 24.81
C TYR A 134 0.48 -24.00 25.59
N MET A 135 0.43 -25.09 26.31
CA MET A 135 1.61 -25.68 26.93
C MET A 135 2.39 -26.42 25.85
N PRO A 136 3.71 -26.20 25.71
CA PRO A 136 4.46 -26.86 24.63
C PRO A 136 4.65 -28.35 24.81
N GLN A 137 4.68 -28.84 26.03
CA GLN A 137 4.91 -30.26 26.27
C GLN A 137 3.66 -31.11 26.06
N ASN A 138 2.45 -30.48 25.95
CA ASN A 138 1.22 -31.07 25.40
C ASN A 138 0.34 -29.93 24.90
N PRO A 139 0.21 -29.72 23.59
CA PRO A 139 -0.55 -28.56 23.06
C PRO A 139 -2.08 -28.65 23.18
N CYS A 140 -2.62 -29.78 23.63
CA CYS A 140 -4.02 -29.85 24.04
C CYS A 140 -4.31 -29.07 25.32
N ILE A 141 -3.31 -28.86 26.18
CA ILE A 141 -3.43 -28.06 27.39
C ILE A 141 -3.21 -26.60 27.04
N ILE A 142 -4.24 -25.77 27.26
CA ILE A 142 -4.23 -24.35 26.97
C ILE A 142 -4.46 -23.58 28.27
N ALA A 143 -3.58 -22.64 28.58
CA ALA A 143 -3.74 -21.77 29.74
C ALA A 143 -4.34 -20.46 29.29
N THR A 144 -5.33 -19.95 30.05
CA THR A 144 -5.93 -18.66 29.77
C THR A 144 -5.77 -17.68 30.93
N LYS A 145 -5.58 -16.42 30.60
CA LYS A 145 -5.50 -15.37 31.59
C LYS A 145 -6.83 -14.61 31.62
N THR A 146 -7.39 -14.44 32.82
CA THR A 146 -8.68 -13.80 32.98
C THR A 146 -8.47 -12.40 33.56
N PRO A 147 -9.46 -11.49 33.49
CA PRO A 147 -9.32 -10.21 34.22
C PRO A 147 -9.48 -10.31 35.73
N SER A 148 -9.92 -11.45 36.26
CA SER A 148 -9.77 -11.77 37.67
C SER A 148 -8.36 -12.28 37.94
N SER A 149 -8.09 -12.60 39.21
CA SER A 149 -6.71 -12.83 39.65
C SER A 149 -6.17 -14.26 39.39
N ASP A 150 -6.90 -15.09 38.64
CA ASP A 150 -6.53 -16.47 38.44
C ASP A 150 -6.14 -16.72 37.00
N VAL A 151 -5.64 -17.94 36.79
CA VAL A 151 -5.27 -18.46 35.49
C VAL A 151 -6.08 -19.73 35.30
N LEU A 152 -6.88 -19.80 34.25
CA LEU A 152 -7.60 -21.03 33.97
C LEU A 152 -6.81 -21.89 33.01
N VAL A 153 -6.98 -23.20 33.14
CA VAL A 153 -6.31 -24.19 32.32
C VAL A 153 -7.38 -25.11 31.76
N PHE A 154 -7.45 -25.21 30.44
CA PHE A 154 -8.37 -26.11 29.77
C PHE A 154 -7.60 -27.22 29.06
N ASP A 155 -8.29 -28.33 28.84
CA ASP A 155 -7.84 -29.42 27.97
C ASP A 155 -9.00 -29.65 27.01
N TYR A 156 -8.78 -29.37 25.72
CA TYR A 156 -9.88 -29.30 24.76
C TYR A 156 -10.42 -30.68 24.38
N THR A 157 -9.63 -31.74 24.58
CA THR A 157 -10.10 -33.10 24.42
C THR A 157 -11.06 -33.54 25.52
N LYS A 158 -11.08 -32.87 26.68
CA LYS A 158 -11.96 -33.21 27.78
C LYS A 158 -13.26 -32.40 27.79
N HIS A 159 -13.66 -31.86 26.65
CA HIS A 159 -14.83 -30.99 26.54
C HIS A 159 -15.63 -31.36 25.30
N PRO A 160 -16.94 -31.01 25.27
CA PRO A 160 -17.67 -31.02 24.00
C PRO A 160 -17.14 -29.98 23.01
N SER A 161 -17.24 -30.33 21.73
CA SER A 161 -16.64 -29.52 20.66
C SER A 161 -17.43 -28.24 20.38
N LYS A 162 -18.72 -28.25 20.62
CA LYS A 162 -19.55 -27.08 20.44
C LYS A 162 -20.42 -26.94 21.67
N PRO A 163 -20.89 -25.72 22.01
CA PRO A 163 -21.91 -25.57 23.06
C PRO A 163 -23.35 -25.73 22.54
N ASP A 164 -23.65 -26.93 22.03
CA ASP A 164 -24.99 -27.44 21.76
C ASP A 164 -25.82 -27.65 23.03
N PRO A 165 -25.24 -27.87 24.24
CA PRO A 165 -25.95 -27.43 25.45
C PRO A 165 -26.36 -25.96 25.48
N SER A 166 -25.41 -25.02 25.30
CA SER A 166 -25.58 -23.54 25.41
C SER A 166 -26.08 -23.12 26.80
N GLY A 167 -25.64 -23.85 27.83
CA GLY A 167 -25.85 -23.55 29.22
C GLY A 167 -24.75 -22.59 29.55
N GLU A 168 -25.12 -21.32 29.55
CA GLU A 168 -24.22 -20.28 29.99
C GLU A 168 -23.96 -20.36 31.49
N CYS A 169 -22.76 -19.96 31.88
CA CYS A 169 -22.45 -19.60 33.25
C CYS A 169 -22.37 -18.08 33.41
N ASN A 170 -22.73 -17.34 32.35
CA ASN A 170 -22.47 -15.91 32.28
C ASN A 170 -23.52 -15.15 33.10
N PRO A 171 -23.10 -14.24 33.97
CA PRO A 171 -24.05 -13.52 34.83
C PRO A 171 -24.71 -12.36 34.09
N ASP A 172 -25.62 -11.69 34.79
CA ASP A 172 -26.31 -10.53 34.26
C ASP A 172 -25.58 -9.23 34.58
N LEU A 173 -24.85 -9.20 35.70
CA LEU A 173 -23.93 -8.10 35.97
C LEU A 173 -22.63 -8.68 36.50
N ARG A 174 -21.63 -7.83 36.54
CA ARG A 174 -20.29 -8.23 36.90
C ARG A 174 -19.69 -7.00 37.53
N LEU A 175 -19.50 -7.04 38.83
CA LEU A 175 -19.14 -5.82 39.53
C LEU A 175 -17.67 -5.96 39.90
N ARG A 176 -16.79 -5.41 39.08
CA ARG A 176 -15.36 -5.46 39.37
C ARG A 176 -15.00 -4.13 40.01
N GLY A 177 -14.47 -4.20 41.22
CA GLY A 177 -14.00 -2.98 41.85
C GLY A 177 -12.65 -2.54 41.33
N HIS A 178 -11.65 -2.85 42.16
CA HIS A 178 -10.27 -2.43 41.97
C HIS A 178 -9.64 -3.49 41.06
N GLN A 179 -9.71 -3.26 39.74
CA GLN A 179 -9.19 -4.25 38.79
C GLN A 179 -8.46 -3.61 37.60
N LYS A 180 -7.13 -3.66 37.65
CA LYS A 180 -6.24 -3.44 36.50
C LYS A 180 -5.19 -4.54 36.46
N GLU A 181 -5.13 -5.28 35.36
CA GLU A 181 -4.16 -6.35 35.23
C GLU A 181 -3.58 -6.39 33.84
N GLY A 182 -2.35 -6.90 33.72
CA GLY A 182 -1.73 -7.09 32.44
C GLY A 182 -1.98 -8.48 31.93
N TYR A 183 -1.53 -8.71 30.71
CA TYR A 183 -2.02 -9.86 29.99
C TYR A 183 -1.06 -11.03 29.98
N GLY A 184 0.16 -10.87 30.50
CA GLY A 184 1.26 -11.78 30.20
C GLY A 184 1.18 -13.14 30.89
N LEU A 185 1.52 -14.18 30.10
CA LEU A 185 1.32 -15.57 30.48
C LEU A 185 2.24 -16.44 29.66
N SER A 186 3.17 -17.17 30.28
CA SER A 186 4.16 -17.91 29.51
C SER A 186 4.56 -19.21 30.18
N TRP A 187 4.55 -20.29 29.40
CA TRP A 187 4.98 -21.60 29.86
C TRP A 187 6.48 -21.79 29.68
N ASN A 188 7.07 -22.56 30.56
CA ASN A 188 8.49 -22.89 30.45
C ASN A 188 8.67 -23.96 29.39
N PRO A 189 9.40 -23.68 28.29
CA PRO A 189 9.62 -24.72 27.28
C PRO A 189 10.68 -25.76 27.66
N ASN A 190 11.44 -25.54 28.73
CA ASN A 190 12.47 -26.43 29.23
C ASN A 190 12.12 -27.13 30.54
N LEU A 191 11.02 -26.75 31.21
CA LEU A 191 10.52 -27.45 32.39
C LEU A 191 9.02 -27.60 32.28
N SER A 192 8.51 -28.83 32.20
CA SER A 192 7.09 -29.07 31.95
C SER A 192 6.23 -28.75 33.17
N GLY A 193 5.34 -27.78 33.00
CA GLY A 193 4.39 -27.39 34.01
C GLY A 193 4.66 -26.05 34.66
N HIS A 194 5.88 -25.52 34.54
CA HIS A 194 6.22 -24.25 35.19
C HIS A 194 5.64 -23.09 34.38
N LEU A 195 4.67 -22.39 34.96
CA LEU A 195 3.88 -21.41 34.24
C LEU A 195 3.86 -20.08 34.99
N LEU A 196 4.23 -19.02 34.29
CA LEU A 196 4.20 -17.68 34.86
C LEU A 196 3.01 -16.87 34.38
N SER A 197 2.63 -15.89 35.21
CA SER A 197 1.61 -14.92 34.85
C SER A 197 1.81 -13.64 35.62
N ALA A 198 1.26 -12.56 35.06
CA ALA A 198 1.30 -11.24 35.65
C ALA A 198 0.20 -11.13 36.70
N SER A 199 0.59 -10.99 37.96
CA SER A 199 -0.37 -11.02 39.05
C SER A 199 -0.90 -9.60 39.36
N ASP A 200 -1.85 -9.54 40.30
CA ASP A 200 -2.79 -8.42 40.38
C ASP A 200 -2.21 -7.18 41.06
N ASP A 201 -1.48 -7.35 42.16
CA ASP A 201 -0.87 -6.25 42.89
C ASP A 201 0.64 -6.26 42.66
N HIS A 202 1.01 -6.00 41.38
CA HIS A 202 2.36 -5.69 40.90
C HIS A 202 3.33 -6.85 41.05
N THR A 203 2.81 -8.08 41.03
CA THR A 203 3.63 -9.26 41.24
C THR A 203 3.59 -10.16 40.01
N ILE A 204 4.45 -11.18 40.07
CA ILE A 204 4.49 -12.26 39.09
C ILE A 204 4.37 -13.54 39.90
N CYS A 205 3.46 -14.43 39.49
CA CYS A 205 3.27 -15.71 40.17
C CYS A 205 3.81 -16.86 39.33
N LEU A 206 4.37 -17.85 40.00
CA LEU A 206 4.80 -19.08 39.37
C LEU A 206 3.94 -20.24 39.89
N TRP A 207 3.41 -21.04 38.98
CA TRP A 207 2.73 -22.29 39.30
C TRP A 207 3.52 -23.45 38.71
N ASP A 208 3.57 -24.57 39.42
CA ASP A 208 4.13 -25.83 38.95
C ASP A 208 2.94 -26.79 38.90
N ILE A 209 2.43 -27.05 37.71
CA ILE A 209 1.25 -27.91 37.56
C ILE A 209 1.62 -29.34 37.24
N SER A 210 2.91 -29.69 37.36
CA SER A 210 3.36 -31.06 37.08
C SER A 210 2.97 -32.00 38.21
N ALA A 211 3.08 -31.53 39.45
CA ALA A 211 2.47 -32.25 40.58
C ALA A 211 1.09 -31.64 40.75
N VAL A 212 0.11 -32.20 40.05
CA VAL A 212 -1.29 -31.85 40.25
C VAL A 212 -1.77 -32.56 41.53
N PRO A 213 -2.47 -31.88 42.45
CA PRO A 213 -2.94 -32.55 43.69
C PRO A 213 -4.11 -33.49 43.43
N LYS A 214 -4.44 -34.31 44.44
CA LYS A 214 -5.36 -35.44 44.32
C LYS A 214 -6.84 -35.03 44.21
N GLU A 215 -7.18 -34.47 43.02
CA GLU A 215 -8.54 -34.09 42.57
C GLU A 215 -9.16 -33.01 43.47
N GLY A 216 -8.34 -32.00 43.76
CA GLY A 216 -8.69 -30.77 44.44
C GLY A 216 -8.83 -29.72 43.35
N LYS A 217 -7.95 -29.81 42.33
CA LYS A 217 -7.91 -29.03 41.06
C LYS A 217 -7.68 -27.53 41.25
N VAL A 218 -7.16 -27.13 42.40
CA VAL A 218 -6.73 -25.76 42.70
C VAL A 218 -5.23 -25.84 42.91
N VAL A 219 -4.48 -25.07 42.16
CA VAL A 219 -3.03 -25.05 42.31
C VAL A 219 -2.67 -23.69 42.89
N ASP A 220 -2.07 -23.70 44.09
CA ASP A 220 -1.54 -22.47 44.64
C ASP A 220 -0.19 -22.14 44.01
N ALA A 221 0.28 -20.93 44.25
CA ALA A 221 1.51 -20.46 43.62
C ALA A 221 2.73 -21.04 44.32
N LYS A 222 3.70 -21.49 43.52
CA LYS A 222 4.98 -21.91 44.06
C LYS A 222 5.77 -20.71 44.55
N THR A 223 5.94 -19.72 43.69
CA THR A 223 6.70 -18.52 44.03
C THR A 223 5.88 -17.31 43.61
N ILE A 224 6.11 -16.21 44.33
CA ILE A 224 5.50 -14.92 44.05
C ILE A 224 6.64 -13.91 43.99
N PHE A 225 6.78 -13.24 42.85
CA PHE A 225 7.94 -12.40 42.58
C PHE A 225 7.55 -10.94 42.72
N THR A 226 8.19 -10.23 43.67
CA THR A 226 7.67 -8.95 44.12
C THR A 226 8.54 -7.75 43.74
N GLY A 227 8.98 -7.67 42.48
CA GLY A 227 9.95 -6.65 42.13
C GLY A 227 9.45 -5.35 41.51
N HIS A 228 8.41 -5.44 40.70
CA HIS A 228 7.90 -4.28 39.99
C HIS A 228 7.08 -3.39 40.92
N THR A 229 7.05 -2.09 40.60
CA THR A 229 6.29 -1.12 41.39
C THR A 229 5.00 -0.66 40.71
N ALA A 230 4.76 -1.08 39.47
CA ALA A 230 3.48 -0.81 38.81
C ALA A 230 2.97 -2.09 38.19
N VAL A 231 1.95 -2.01 37.34
CA VAL A 231 1.20 -3.17 36.85
C VAL A 231 2.03 -3.92 35.81
N VAL A 232 2.32 -5.19 36.11
CA VAL A 232 3.08 -6.06 35.22
C VAL A 232 2.23 -6.42 34.02
N GLU A 233 2.75 -6.16 32.82
CA GLU A 233 1.98 -6.33 31.59
C GLU A 233 2.31 -7.61 30.85
N ASP A 234 3.58 -7.91 30.66
CA ASP A 234 3.97 -9.12 29.95
C ASP A 234 5.15 -9.77 30.64
N VAL A 235 5.17 -11.09 30.58
CA VAL A 235 6.20 -11.91 31.19
C VAL A 235 6.55 -13.03 30.20
N SER A 236 7.82 -13.43 30.16
CA SER A 236 8.25 -14.54 29.30
C SER A 236 9.45 -15.28 29.85
N TRP A 237 9.37 -16.60 29.82
CA TRP A 237 10.52 -17.45 30.12
C TRP A 237 11.56 -17.35 29.03
N HIS A 238 12.82 -17.56 29.41
CA HIS A 238 13.91 -17.65 28.46
C HIS A 238 13.80 -18.95 27.69
N LEU A 239 14.16 -18.92 26.41
CA LEU A 239 13.91 -20.07 25.55
C LEU A 239 14.98 -21.14 25.71
N LEU A 240 16.12 -20.80 26.29
CA LEU A 240 17.20 -21.77 26.45
C LEU A 240 17.42 -22.16 27.90
N HIS A 241 17.71 -21.19 28.77
CA HIS A 241 17.90 -21.46 30.19
C HIS A 241 16.55 -21.62 30.88
N GLU A 242 16.41 -22.68 31.67
CA GLU A 242 15.16 -23.00 32.33
C GLU A 242 14.88 -22.15 33.57
N SER A 243 15.90 -21.46 34.08
CA SER A 243 15.79 -20.68 35.30
C SER A 243 15.45 -19.21 35.06
N LEU A 244 15.68 -18.69 33.87
CA LEU A 244 15.59 -17.26 33.60
C LEU A 244 14.23 -16.87 33.03
N PHE A 245 13.72 -15.72 33.48
CA PHE A 245 12.61 -15.11 32.78
C PHE A 245 12.73 -13.59 32.80
N GLY A 246 11.99 -12.97 31.89
CA GLY A 246 11.93 -11.53 31.80
C GLY A 246 10.51 -11.01 31.96
N SER A 247 10.39 -9.81 32.52
CA SER A 247 9.08 -9.20 32.78
C SER A 247 9.13 -7.72 32.48
N VAL A 248 8.02 -7.17 31.95
CA VAL A 248 7.90 -5.75 31.68
C VAL A 248 6.63 -5.21 32.33
N ALA A 249 6.62 -3.91 32.65
CA ALA A 249 5.53 -3.36 33.43
C ALA A 249 5.31 -1.88 33.07
N ASP A 250 4.45 -1.23 33.86
CA ASP A 250 4.13 0.18 33.68
C ASP A 250 5.02 1.10 34.48
N ASP A 251 6.02 0.58 35.19
CA ASP A 251 7.01 1.38 35.89
C ASP A 251 8.26 1.69 35.04
N GLN A 252 8.12 1.58 33.70
CA GLN A 252 9.13 1.77 32.65
C GLN A 252 10.33 0.83 32.82
N LYS A 253 10.11 -0.39 33.34
CA LYS A 253 11.24 -1.25 33.69
C LYS A 253 11.15 -2.63 33.03
N LEU A 254 12.28 -3.05 32.48
CA LEU A 254 12.51 -4.44 32.09
C LEU A 254 13.33 -5.09 33.19
N MET A 255 12.84 -6.20 33.72
CA MET A 255 13.51 -6.92 34.80
C MET A 255 13.79 -8.35 34.37
N ILE A 256 14.98 -8.85 34.72
CA ILE A 256 15.47 -10.17 34.33
C ILE A 256 15.69 -10.97 35.60
N TRP A 257 15.05 -12.14 35.69
CA TRP A 257 14.94 -12.87 36.94
C TRP A 257 15.63 -14.21 36.82
N ASP A 258 15.80 -14.88 37.97
CA ASP A 258 16.36 -16.23 38.06
C ASP A 258 15.67 -16.94 39.22
N THR A 259 15.08 -18.13 38.94
CA THR A 259 14.26 -18.86 39.92
C THR A 259 15.08 -19.52 41.02
N ARG A 260 16.39 -19.71 40.81
CA ARG A 260 17.29 -20.29 41.80
C ARG A 260 17.74 -19.31 42.86
N SER A 261 17.46 -18.02 42.69
CA SER A 261 17.78 -17.01 43.69
C SER A 261 16.87 -17.13 44.90
N ASN A 262 17.45 -16.93 46.08
CA ASN A 262 16.67 -17.00 47.31
C ASN A 262 15.82 -15.75 47.53
N ASN A 263 16.19 -14.62 46.93
CA ASN A 263 15.46 -13.37 47.11
C ASN A 263 14.53 -13.16 45.92
N THR A 264 13.23 -13.36 46.15
CA THR A 264 12.24 -13.18 45.10
C THR A 264 11.60 -11.80 45.16
N SER A 265 12.19 -10.87 45.91
CA SER A 265 11.74 -9.48 45.93
C SER A 265 12.57 -8.61 45.01
N LYS A 266 13.82 -8.99 44.75
CA LYS A 266 14.67 -8.27 43.84
C LYS A 266 15.01 -9.17 42.67
N PRO A 267 14.96 -8.67 41.43
CA PRO A 267 15.45 -9.45 40.29
C PRO A 267 16.97 -9.34 40.17
N SER A 268 17.50 -10.03 39.17
CA SER A 268 18.94 -10.01 38.93
C SER A 268 19.37 -8.70 38.27
N HIS A 269 18.59 -8.19 37.32
CA HIS A 269 18.91 -6.95 36.62
C HIS A 269 17.66 -6.11 36.44
N SER A 270 17.84 -4.79 36.43
CA SER A 270 16.73 -3.86 36.23
C SER A 270 17.22 -2.74 35.32
N VAL A 271 16.40 -2.40 34.32
CA VAL A 271 16.69 -1.37 33.33
C VAL A 271 15.67 -0.26 33.49
N ASP A 272 16.09 0.99 33.28
CA ASP A 272 15.13 2.03 32.88
C ASP A 272 15.01 1.95 31.36
N ALA A 273 14.06 1.13 30.91
CA ALA A 273 14.02 0.65 29.52
C ALA A 273 13.47 1.69 28.57
N HIS A 274 12.29 2.21 28.87
CA HIS A 274 11.54 3.07 27.98
C HIS A 274 11.14 4.33 28.73
N THR A 275 10.54 5.25 27.99
CA THR A 275 10.07 6.48 28.60
C THR A 275 8.58 6.41 28.92
N ALA A 276 7.94 5.28 28.68
CA ALA A 276 6.54 5.08 29.05
C ALA A 276 6.31 3.63 29.42
N GLU A 277 5.05 3.20 29.34
CA GLU A 277 4.63 1.87 29.76
C GLU A 277 5.10 0.78 28.80
N VAL A 278 5.80 -0.21 29.34
CA VAL A 278 6.32 -1.31 28.55
C VAL A 278 5.30 -2.44 28.54
N ASN A 279 4.83 -2.82 27.35
CA ASN A 279 3.65 -3.66 27.21
C ASN A 279 3.92 -5.08 26.72
N CYS A 280 5.11 -5.38 26.19
CA CYS A 280 5.43 -6.68 25.61
C CYS A 280 6.93 -6.90 25.60
N LEU A 281 7.34 -8.17 25.66
CA LEU A 281 8.74 -8.54 25.43
C LEU A 281 8.81 -9.89 24.71
N SER A 282 9.89 -10.09 23.95
CA SER A 282 10.07 -11.38 23.27
C SER A 282 11.55 -11.68 23.18
N PHE A 283 11.94 -12.87 23.64
CA PHE A 283 13.32 -13.34 23.53
C PHE A 283 13.61 -13.87 22.12
N ASN A 284 14.85 -13.64 21.66
CA ASN A 284 15.28 -14.11 20.33
C ASN A 284 15.52 -15.62 20.40
N PRO A 285 14.99 -16.40 19.44
CA PRO A 285 15.21 -17.86 19.49
C PRO A 285 16.53 -18.30 18.89
N TYR A 286 17.31 -17.40 18.30
CA TYR A 286 18.57 -17.75 17.67
C TYR A 286 19.75 -17.19 18.43
N SER A 287 19.53 -16.19 19.28
CA SER A 287 20.58 -15.55 20.07
C SER A 287 20.05 -15.46 21.47
N GLU A 288 20.72 -16.12 22.41
CA GLU A 288 20.21 -16.28 23.77
C GLU A 288 20.37 -15.01 24.62
N PHE A 289 21.18 -14.05 24.19
CA PHE A 289 21.38 -12.82 24.93
C PHE A 289 20.48 -11.69 24.43
N ILE A 290 19.78 -11.90 23.33
CA ILE A 290 19.11 -10.84 22.60
C ILE A 290 17.62 -10.98 22.85
N LEU A 291 16.98 -9.84 23.14
CA LEU A 291 15.54 -9.78 23.31
C LEU A 291 15.08 -8.40 22.85
N ALA A 292 13.76 -8.19 22.85
CA ALA A 292 13.22 -6.93 22.36
C ALA A 292 11.96 -6.57 23.14
N THR A 293 11.87 -5.32 23.59
CA THR A 293 10.72 -4.85 24.34
C THR A 293 10.04 -3.73 23.55
N GLY A 294 8.72 -3.81 23.42
CA GLY A 294 7.95 -2.76 22.76
C GLY A 294 6.99 -2.10 23.74
N SER A 295 6.64 -0.84 23.47
CA SER A 295 6.13 -0.01 24.56
C SER A 295 5.27 1.14 24.05
N ALA A 296 4.81 1.96 25.01
CA ALA A 296 3.90 3.07 24.79
C ALA A 296 4.61 4.35 24.37
N ASP A 297 5.93 4.35 24.27
CA ASP A 297 6.65 5.49 23.70
C ASP A 297 6.82 5.40 22.18
N LYS A 298 6.12 4.45 21.52
CA LYS A 298 6.11 4.02 20.11
C LYS A 298 7.46 3.46 19.65
N THR A 299 8.27 2.96 20.57
CA THR A 299 9.57 2.40 20.23
C THR A 299 9.59 0.92 20.59
N VAL A 300 10.29 0.15 19.76
CA VAL A 300 10.75 -1.17 20.14
C VAL A 300 12.23 -1.05 20.46
N ALA A 301 12.60 -1.41 21.67
CA ALA A 301 13.99 -1.37 22.07
C ALA A 301 14.64 -2.71 21.78
N LEU A 302 15.96 -2.72 21.67
CA LEU A 302 16.74 -3.94 21.48
C LEU A 302 17.77 -4.04 22.60
N TRP A 303 17.90 -5.24 23.15
CA TRP A 303 18.66 -5.46 24.39
C TRP A 303 19.62 -6.61 24.27
N ASP A 304 20.85 -6.41 24.73
CA ASP A 304 21.74 -7.52 25.09
C ASP A 304 21.57 -7.83 26.58
N LEU A 305 21.66 -9.13 26.91
CA LEU A 305 21.52 -9.53 28.30
C LEU A 305 22.78 -9.27 29.12
N ARG A 306 23.95 -9.29 28.49
CA ARG A 306 25.18 -9.15 29.26
C ARG A 306 25.55 -7.69 29.54
N ASN A 307 24.89 -6.73 28.89
CA ASN A 307 24.99 -5.32 29.32
C ASN A 307 23.65 -4.67 29.03
N LEU A 308 22.80 -4.63 30.06
CA LEU A 308 21.48 -4.03 29.89
C LEU A 308 21.47 -2.52 29.99
N LYS A 309 22.58 -1.89 30.41
CA LYS A 309 22.67 -0.44 30.49
C LYS A 309 22.77 0.25 29.12
N LEU A 310 23.10 -0.49 28.06
CA LEU A 310 23.06 0.01 26.70
C LEU A 310 21.88 -0.63 25.96
N LYS A 311 20.90 0.19 25.59
CA LYS A 311 19.93 -0.19 24.56
C LYS A 311 20.66 -0.26 23.22
N LEU A 312 20.57 -1.42 22.55
CA LEU A 312 21.29 -1.59 21.30
C LEU A 312 20.67 -0.81 20.15
N HIS A 313 19.35 -0.91 19.98
CA HIS A 313 18.69 -0.16 18.92
C HIS A 313 17.26 0.16 19.31
N SER A 314 16.79 1.34 18.92
CA SER A 314 15.41 1.78 19.09
C SER A 314 14.75 1.83 17.71
N PHE A 315 13.84 0.90 17.43
CA PHE A 315 13.07 0.90 16.19
C PHE A 315 11.92 1.89 16.28
N GLU A 316 11.86 2.86 15.35
CA GLU A 316 10.84 3.90 15.40
C GLU A 316 10.12 4.00 14.06
N SER A 317 8.88 3.47 14.00
CA SER A 317 7.93 3.82 12.95
C SER A 317 6.48 3.72 13.40
N HIS A 318 6.19 3.26 14.61
CA HIS A 318 4.82 3.19 15.09
C HIS A 318 4.37 4.59 15.46
N LYS A 319 3.09 4.84 15.24
CA LYS A 319 2.53 6.13 15.53
C LYS A 319 1.83 6.17 16.87
N ASP A 320 1.51 5.00 17.44
CA ASP A 320 0.85 4.90 18.74
C ASP A 320 1.45 3.71 19.49
N GLU A 321 0.76 3.35 20.57
CA GLU A 321 1.24 2.43 21.59
C GLU A 321 1.31 0.99 21.10
N ILE A 322 2.47 0.35 21.33
CA ILE A 322 2.79 -1.01 20.87
C ILE A 322 2.32 -2.00 21.93
N PHE A 323 1.58 -3.04 21.51
CA PHE A 323 1.10 -4.06 22.46
C PHE A 323 1.64 -5.46 22.24
N GLN A 324 2.36 -5.74 21.15
CA GLN A 324 2.90 -7.07 20.91
C GLN A 324 4.18 -6.94 20.09
N VAL A 325 5.21 -7.71 20.46
CA VAL A 325 6.42 -7.89 19.65
C VAL A 325 6.72 -9.38 19.60
N GLN A 326 7.02 -9.90 18.40
CA GLN A 326 7.36 -11.32 18.23
C GLN A 326 8.49 -11.49 17.21
N TRP A 327 9.40 -12.41 17.51
CA TRP A 327 10.48 -12.75 16.59
C TRP A 327 10.03 -13.77 15.56
N SER A 328 10.63 -13.70 14.39
CA SER A 328 10.41 -14.72 13.39
C SER A 328 11.08 -16.03 13.85
N PRO A 329 10.33 -17.14 13.90
CA PRO A 329 10.96 -18.42 14.21
C PRO A 329 11.70 -19.04 13.04
N HIS A 330 11.55 -18.51 11.81
CA HIS A 330 12.31 -18.98 10.65
C HIS A 330 13.48 -18.08 10.28
N ASN A 331 13.63 -16.92 10.92
CA ASN A 331 14.70 -15.99 10.56
C ASN A 331 15.18 -15.29 11.81
N GLU A 332 16.50 -15.30 12.03
CA GLU A 332 17.14 -14.62 13.17
C GLU A 332 16.97 -13.10 13.11
N THR A 333 17.12 -12.54 11.94
CA THR A 333 17.32 -11.13 11.71
C THR A 333 16.00 -10.30 11.74
N ILE A 334 14.85 -10.96 11.90
CA ILE A 334 13.53 -10.44 11.55
C ILE A 334 12.68 -10.40 12.82
N LEU A 335 12.09 -9.23 13.13
CA LEU A 335 11.09 -9.13 14.18
C LEU A 335 9.90 -8.32 13.70
N ALA A 336 8.78 -8.49 14.39
CA ALA A 336 7.60 -7.73 14.03
C ALA A 336 6.95 -7.13 15.26
N SER A 337 6.28 -5.99 15.09
CA SER A 337 5.64 -5.36 16.23
C SER A 337 4.28 -4.82 15.81
N SER A 338 3.35 -4.76 16.77
CA SER A 338 1.98 -4.33 16.49
C SER A 338 1.41 -3.54 17.65
N GLY A 339 0.27 -2.90 17.42
CA GLY A 339 -0.38 -2.15 18.50
C GLY A 339 -1.56 -1.25 18.17
N THR A 340 -1.62 -0.07 18.80
CA THR A 340 -2.83 0.78 18.78
C THR A 340 -2.99 1.55 17.47
N ASP A 341 -1.89 1.75 16.70
CA ASP A 341 -1.91 2.60 15.51
C ASP A 341 -2.45 1.93 14.25
N ARG A 342 -3.01 0.70 14.35
CA ARG A 342 -3.58 -0.23 13.36
C ARG A 342 -2.50 -0.84 12.44
N ARG A 343 -1.23 -0.70 12.79
CA ARG A 343 -0.12 -1.08 11.93
C ARG A 343 0.62 -2.23 12.57
N LEU A 344 0.93 -3.25 11.77
CA LEU A 344 1.88 -4.28 12.16
C LEU A 344 3.15 -4.02 11.35
N ASN A 345 4.14 -3.43 12.01
CA ASN A 345 5.46 -3.25 11.42
C ASN A 345 6.19 -4.57 11.44
N VAL A 346 7.07 -4.78 10.47
CA VAL A 346 7.98 -5.92 10.42
C VAL A 346 9.39 -5.38 10.20
N TRP A 347 10.27 -5.59 11.17
CA TRP A 347 11.61 -5.01 11.18
C TRP A 347 12.65 -6.02 10.72
N ASP A 348 13.79 -5.50 10.22
CA ASP A 348 14.92 -6.31 9.76
C ASP A 348 16.22 -5.71 10.30
N LEU A 349 16.85 -6.44 11.23
CA LEU A 349 18.11 -6.05 11.89
C LEU A 349 19.32 -5.98 10.97
N SER A 350 19.29 -6.66 9.83
CA SER A 350 20.44 -6.67 8.92
C SER A 350 20.50 -5.44 8.02
N LYS A 351 19.56 -4.51 8.12
CA LYS A 351 19.55 -3.26 7.36
C LYS A 351 19.77 -2.04 8.24
N ILE A 352 20.16 -2.23 9.51
CA ILE A 352 20.44 -1.14 10.45
C ILE A 352 21.70 -0.40 10.05
N GLY A 353 21.61 0.94 9.98
CA GLY A 353 22.75 1.76 9.66
C GLY A 353 23.04 1.87 8.19
N GLU A 354 22.12 1.42 7.34
CA GLU A 354 22.26 1.47 5.89
C GLU A 354 22.20 2.90 5.37
N GLU A 355 22.87 3.10 4.24
CA GLU A 355 22.78 4.36 3.53
C GLU A 355 21.39 4.46 2.90
N GLN A 356 20.84 5.67 2.90
CA GLN A 356 19.44 5.87 2.56
C GLN A 356 19.32 7.19 1.84
N SER A 357 18.37 7.29 0.93
CA SER A 357 18.06 8.55 0.27
C SER A 357 17.14 9.35 1.20
N PRO A 358 16.97 10.67 0.94
CA PRO A 358 15.87 11.41 1.59
C PRO A 358 14.47 10.89 1.25
N GLU A 359 14.26 10.41 0.01
CA GLU A 359 12.97 9.86 -0.38
C GLU A 359 12.68 8.48 0.23
N ASP A 360 13.73 7.70 0.59
CA ASP A 360 13.48 6.46 1.34
C ASP A 360 13.28 6.71 2.83
N ALA A 361 13.96 7.72 3.39
CA ALA A 361 13.91 8.01 4.83
C ALA A 361 12.61 8.66 5.27
N GLU A 362 11.85 9.22 4.32
CA GLU A 362 10.47 9.64 4.53
C GLU A 362 9.57 8.49 4.94
N ASP A 363 9.76 7.32 4.34
CA ASP A 363 8.87 6.20 4.60
C ASP A 363 9.27 5.42 5.85
N GLY A 364 10.43 5.71 6.42
CA GLY A 364 10.85 5.12 7.66
C GLY A 364 12.34 4.83 7.72
N PRO A 365 12.76 4.04 8.71
CA PRO A 365 14.17 3.67 8.80
C PRO A 365 14.49 2.55 7.82
N PRO A 366 15.78 2.28 7.50
CA PRO A 366 16.07 1.21 6.50
C PRO A 366 15.84 -0.20 7.01
N GLU A 367 15.79 -0.37 8.33
CA GLU A 367 15.43 -1.60 9.01
C GLU A 367 13.94 -1.93 8.91
N LEU A 368 13.09 -0.97 8.54
CA LEU A 368 11.68 -1.23 8.36
C LEU A 368 11.49 -1.95 7.02
N LEU A 369 11.15 -3.23 7.08
CA LEU A 369 10.90 -4.04 5.91
C LEU A 369 9.47 -3.93 5.41
N PHE A 370 8.49 -3.84 6.31
CA PHE A 370 7.10 -4.05 5.93
C PHE A 370 6.19 -3.42 6.97
N ILE A 371 5.22 -2.64 6.50
CA ILE A 371 4.08 -2.19 7.28
C ILE A 371 2.87 -2.92 6.72
N HIS A 372 2.14 -3.64 7.59
CA HIS A 372 1.00 -4.45 7.15
C HIS A 372 -0.20 -3.58 6.75
N GLY A 373 -0.94 -3.04 7.70
CA GLY A 373 -1.98 -2.11 7.30
C GLY A 373 -3.28 -2.69 6.80
N GLY A 374 -3.60 -3.93 7.17
CA GLY A 374 -4.91 -4.45 6.85
C GLY A 374 -5.97 -4.17 7.88
N HIS A 375 -5.51 -3.82 9.07
CA HIS A 375 -6.39 -3.62 10.18
C HIS A 375 -6.85 -2.18 10.20
N THR A 376 -8.14 -2.01 10.45
CA THR A 376 -8.81 -0.73 10.61
C THR A 376 -9.11 -0.42 12.07
N ALA A 377 -8.80 -1.34 12.98
CA ALA A 377 -8.88 -1.17 14.42
C ALA A 377 -7.56 -1.62 15.02
N LYS A 378 -7.41 -1.42 16.34
CA LYS A 378 -6.18 -1.70 17.07
C LYS A 378 -5.91 -3.20 17.11
N ILE A 379 -4.73 -3.56 16.63
CA ILE A 379 -4.28 -4.95 16.62
C ILE A 379 -4.00 -5.35 18.05
N SER A 380 -4.64 -6.40 18.50
CA SER A 380 -4.48 -6.83 19.88
C SER A 380 -3.33 -7.83 20.05
N ASP A 381 -3.16 -8.73 19.09
CA ASP A 381 -2.19 -9.83 19.22
C ASP A 381 -1.81 -10.31 17.82
N PHE A 382 -0.62 -10.90 17.69
CA PHE A 382 -0.27 -11.64 16.47
C PHE A 382 0.69 -12.77 16.78
N SER A 383 0.60 -13.85 15.99
CA SER A 383 1.53 -14.97 16.09
C SER A 383 2.06 -15.37 14.72
N TRP A 384 3.35 -15.67 14.66
CA TRP A 384 3.96 -16.17 13.44
C TRP A 384 3.72 -17.67 13.30
N ASN A 385 3.44 -18.13 12.10
CA ASN A 385 3.21 -19.55 11.84
C ASN A 385 4.54 -20.32 11.95
N PRO A 386 4.59 -21.41 12.72
CA PRO A 386 5.86 -22.11 12.89
C PRO A 386 6.19 -23.07 11.77
N ASN A 387 5.26 -23.35 10.87
CA ASN A 387 5.40 -24.40 9.87
C ASN A 387 5.41 -23.89 8.43
N GLU A 388 4.77 -22.75 8.16
CA GLU A 388 4.92 -22.03 6.88
C GLU A 388 5.65 -20.73 7.14
N PRO A 389 6.80 -20.49 6.49
CA PRO A 389 7.58 -19.27 6.78
C PRO A 389 6.93 -18.04 6.18
N TRP A 390 7.08 -16.92 6.91
CA TRP A 390 6.57 -15.55 6.74
C TRP A 390 5.05 -15.38 6.89
N VAL A 391 4.29 -16.42 7.21
CA VAL A 391 2.83 -16.33 7.38
C VAL A 391 2.52 -15.87 8.80
N ILE A 392 1.70 -14.81 8.94
CA ILE A 392 1.30 -14.27 10.24
C ILE A 392 -0.23 -14.26 10.32
N CYS A 393 -0.79 -14.75 11.43
CA CYS A 393 -2.15 -14.39 11.84
C CYS A 393 -2.13 -13.21 12.80
N SER A 394 -2.91 -12.16 12.49
CA SER A 394 -3.09 -10.98 13.35
C SER A 394 -4.57 -10.64 13.54
N VAL A 395 -4.95 -10.23 14.76
CA VAL A 395 -6.36 -10.03 15.16
C VAL A 395 -6.57 -8.61 15.66
N SER A 396 -7.71 -8.02 15.30
CA SER A 396 -8.04 -6.70 15.80
C SER A 396 -9.43 -6.67 16.44
N GLU A 397 -9.79 -5.50 16.94
CA GLU A 397 -10.94 -5.32 17.84
C GLU A 397 -12.24 -5.05 17.12
N ASP A 398 -12.25 -5.13 15.79
CA ASP A 398 -13.47 -4.96 15.01
C ASP A 398 -13.96 -6.29 14.46
N ASN A 399 -13.67 -7.37 15.21
CA ASN A 399 -13.83 -8.81 14.96
C ASN A 399 -12.96 -9.36 13.81
N ILE A 400 -12.03 -8.59 13.25
CA ILE A 400 -11.24 -9.04 12.12
C ILE A 400 -10.10 -9.92 12.62
N MET A 401 -10.06 -11.14 12.12
CA MET A 401 -8.82 -11.90 12.06
C MET A 401 -8.31 -11.88 10.63
N GLN A 402 -7.01 -11.58 10.46
CA GLN A 402 -6.35 -11.65 9.17
C GLN A 402 -5.20 -12.63 9.23
N VAL A 403 -5.13 -13.54 8.26
CA VAL A 403 -4.00 -14.45 8.05
C VAL A 403 -3.34 -14.03 6.73
N TRP A 404 -2.09 -13.61 6.80
CA TRP A 404 -1.45 -12.96 5.66
C TRP A 404 -0.01 -13.39 5.53
N GLN A 405 0.57 -13.08 4.37
CA GLN A 405 1.98 -13.30 4.10
C GLN A 405 2.41 -12.35 3.00
N MET A 406 3.46 -11.55 3.26
CA MET A 406 4.00 -10.58 2.32
C MET A 406 4.69 -11.27 1.15
N ALA A 407 4.85 -10.52 0.05
CA ALA A 407 5.31 -11.08 -1.21
C ALA A 407 6.77 -11.50 -1.15
N GLU A 408 7.08 -12.56 -1.93
CA GLU A 408 8.35 -13.28 -1.84
C GLU A 408 9.51 -12.45 -2.36
N ASN A 409 9.22 -11.47 -3.21
CA ASN A 409 10.20 -10.55 -3.75
C ASN A 409 10.64 -9.51 -2.73
N ILE A 410 9.83 -9.23 -1.72
CA ILE A 410 10.21 -8.15 -0.83
C ILE A 410 11.18 -8.62 0.26
N TYR A 411 11.15 -9.91 0.68
CA TYR A 411 12.00 -10.35 1.77
C TYR A 411 13.27 -11.01 1.31
N ASN A 412 13.36 -11.35 0.03
CA ASN A 412 14.50 -12.05 -0.53
C ASN A 412 15.46 -11.09 -1.21
N ASP A 413 15.17 -9.78 -1.11
CA ASP A 413 15.89 -8.64 -1.74
C ASP A 413 16.02 -8.84 -3.25
N GLU A 414 14.91 -9.24 -3.88
CA GLU A 414 14.97 -9.64 -5.28
C GLU A 414 13.86 -8.95 -6.08
N ASP A 415 14.20 -8.38 -7.23
CA ASP A 415 13.22 -7.72 -8.12
C ASP A 415 13.68 -7.66 -9.59
N CYS B 2 10.56 -1.18 -7.11
CA CYS B 2 9.31 -0.59 -6.69
C CYS B 2 8.44 -1.44 -5.77
N THR B 3 8.76 -2.72 -5.52
CA THR B 3 7.96 -3.48 -4.56
C THR B 3 8.48 -3.33 -3.13
N LYS B 4 9.82 -3.25 -2.98
CA LYS B 4 10.48 -2.91 -1.70
C LYS B 4 10.15 -1.49 -1.24
N ARG B 5 9.97 -0.57 -2.19
CA ARG B 5 9.54 0.78 -1.80
C ARG B 5 8.07 0.79 -1.42
N ALA B 6 7.22 0.01 -2.12
CA ALA B 6 5.78 -0.04 -1.82
C ALA B 6 5.42 -0.74 -0.52
N ALA B 7 6.34 -1.56 0.01
CA ALA B 7 6.17 -2.18 1.32
C ALA B 7 6.25 -1.18 2.47
N ARG B 8 6.93 -0.06 2.28
CA ARG B 8 7.16 0.95 3.29
C ARG B 8 6.15 2.08 3.24
N ARG B 9 5.44 2.22 2.14
CA ARG B 9 4.32 3.17 2.05
C ARG B 9 3.07 2.47 1.51
N PRO B 10 2.40 1.62 2.29
CA PRO B 10 1.20 0.94 1.77
C PRO B 10 -0.10 1.74 1.88
N TYR B 11 -0.12 2.95 2.47
CA TYR B 11 -1.32 3.80 2.40
C TYR B 11 -1.26 4.79 1.24
N LYS B 12 -0.14 4.90 0.58
CA LYS B 12 -0.02 5.67 -0.63
C LYS B 12 -0.05 4.73 -1.82
N PRO B 13 -0.64 5.11 -2.98
CA PRO B 13 -0.66 4.17 -4.13
C PRO B 13 0.68 4.10 -4.80
N CYS B 14 1.02 2.93 -5.32
CA CYS B 14 2.35 2.69 -5.91
C CYS B 14 2.36 3.12 -7.33
N ALA B 15 3.55 3.44 -7.81
CA ALA B 15 3.71 4.06 -9.11
C ALA B 15 5.13 3.67 -9.64
N CYS C 2 -23.70 25.89 -4.92
CA CYS C 2 -23.32 26.65 -6.09
C CYS C 2 -21.85 26.46 -6.52
N THR C 3 -21.03 25.77 -5.71
CA THR C 3 -19.65 25.50 -6.13
C THR C 3 -19.58 24.23 -6.99
N LYS C 4 -20.44 23.25 -6.67
CA LYS C 4 -20.68 22.06 -7.49
C LYS C 4 -21.27 22.41 -8.86
N ARG C 5 -22.11 23.45 -8.91
CA ARG C 5 -22.62 23.89 -10.20
C ARG C 5 -21.59 24.69 -10.97
N ALA C 6 -20.74 25.48 -10.27
CA ALA C 6 -19.70 26.28 -10.92
C ALA C 6 -18.54 25.45 -11.48
N ALA C 7 -18.38 24.22 -10.98
CA ALA C 7 -17.41 23.28 -11.53
C ALA C 7 -17.79 22.81 -12.93
N ARG C 8 -19.07 22.81 -13.27
CA ARG C 8 -19.56 22.30 -14.54
C ARG C 8 -19.71 23.38 -15.60
N ARG C 9 -19.69 24.64 -15.22
CA ARG C 9 -19.68 25.77 -16.16
C ARG C 9 -18.62 26.81 -15.76
N PRO C 10 -17.33 26.54 -15.94
CA PRO C 10 -16.33 27.55 -15.52
C PRO C 10 -16.03 28.64 -16.55
N TYR C 11 -16.58 28.60 -17.77
CA TYR C 11 -16.45 29.75 -18.67
C TYR C 11 -17.62 30.72 -18.51
N LYS C 12 -18.63 30.36 -17.77
CA LYS C 12 -19.69 31.29 -17.41
C LYS C 12 -19.44 31.76 -15.99
N PRO C 13 -19.75 33.02 -15.61
CA PRO C 13 -19.48 33.47 -14.24
C PRO C 13 -20.48 32.95 -13.23
N CYS C 14 -20.00 32.63 -12.04
CA CYS C 14 -20.85 32.02 -11.01
C CYS C 14 -21.66 33.06 -10.32
N ALA C 15 -22.77 32.66 -9.72
CA ALA C 15 -23.70 33.63 -9.20
C ALA C 15 -24.39 32.97 -7.97
N ASP D 11 -13.52 34.03 -39.70
CA ASP D 11 -14.01 34.11 -38.33
C ASP D 11 -13.07 33.32 -37.40
N ASP D 12 -11.80 33.31 -37.79
CA ASP D 12 -10.77 32.65 -36.99
C ASP D 12 -10.28 33.55 -35.86
N ALA D 13 -10.12 34.85 -36.15
CA ALA D 13 -9.67 35.83 -35.16
C ALA D 13 -10.73 36.10 -34.12
N VAL D 14 -12.02 35.98 -34.49
CA VAL D 14 -13.09 36.09 -33.50
C VAL D 14 -13.23 34.82 -32.64
N GLU D 15 -12.66 33.69 -33.08
CA GLU D 15 -12.58 32.51 -32.21
C GLU D 15 -11.53 32.70 -31.13
N GLU D 16 -10.46 33.44 -31.43
CA GLU D 16 -9.43 33.83 -30.46
C GLU D 16 -10.00 34.79 -29.40
N ARG D 17 -10.99 35.61 -29.78
CA ARG D 17 -11.71 36.51 -28.89
C ARG D 17 -12.57 35.76 -27.87
N VAL D 18 -13.14 34.62 -28.29
CA VAL D 18 -13.92 33.76 -27.40
C VAL D 18 -13.00 33.06 -26.40
N ILE D 19 -11.82 32.63 -26.86
CA ILE D 19 -10.82 31.97 -26.01
C ILE D 19 -10.15 32.97 -25.04
N ASN D 20 -9.88 34.21 -25.50
CA ASN D 20 -9.23 35.21 -24.64
C ASN D 20 -10.16 35.77 -23.57
N GLU D 21 -11.46 35.83 -23.85
CA GLU D 21 -12.40 36.31 -22.84
C GLU D 21 -12.85 35.22 -21.88
N GLU D 22 -12.98 33.98 -22.34
CA GLU D 22 -13.39 32.92 -21.44
C GLU D 22 -12.26 32.43 -20.55
N TYR D 23 -11.01 32.75 -20.88
CA TYR D 23 -9.91 32.66 -19.93
C TYR D 23 -10.10 33.64 -18.77
N LYS D 24 -10.60 34.85 -19.07
CA LYS D 24 -10.69 35.91 -18.06
C LYS D 24 -11.80 35.64 -17.06
N ILE D 25 -12.86 34.95 -17.48
CA ILE D 25 -13.95 34.57 -16.55
C ILE D 25 -13.47 33.44 -15.65
N TRP D 26 -12.62 32.54 -16.19
CA TRP D 26 -11.96 31.47 -15.44
C TRP D 26 -11.03 32.00 -14.35
N LYS D 27 -10.31 33.11 -14.63
CA LYS D 27 -9.38 33.69 -13.67
C LYS D 27 -10.11 34.36 -12.51
N LYS D 28 -11.30 34.95 -12.77
CA LYS D 28 -12.21 35.37 -11.70
C LYS D 28 -12.88 34.18 -11.04
N ASN D 29 -13.00 33.04 -11.74
CA ASN D 29 -13.62 31.85 -11.17
C ASN D 29 -12.65 31.01 -10.34
N THR D 30 -11.34 31.23 -10.48
CA THR D 30 -10.29 30.45 -9.80
C THR D 30 -10.32 30.29 -8.26
N PRO D 31 -10.59 31.32 -7.39
CA PRO D 31 -10.56 30.99 -5.94
C PRO D 31 -11.77 30.24 -5.44
N PHE D 32 -12.87 30.21 -6.22
CA PHE D 32 -13.98 29.36 -5.86
C PHE D 32 -13.80 27.92 -6.33
N LEU D 33 -13.00 27.69 -7.38
CA LEU D 33 -12.97 26.37 -8.00
C LEU D 33 -11.71 25.58 -7.71
N TYR D 34 -10.70 26.18 -7.09
CA TYR D 34 -9.42 25.54 -6.91
C TYR D 34 -8.93 25.75 -5.48
N ASP D 35 -8.22 24.76 -4.95
CA ASP D 35 -7.46 25.00 -3.72
C ASP D 35 -6.02 25.35 -4.01
N LEU D 36 -5.62 25.30 -5.28
CA LEU D 36 -4.24 25.47 -5.76
C LEU D 36 -4.20 25.65 -7.27
N VAL D 37 -3.63 26.73 -7.79
CA VAL D 37 -3.28 26.87 -9.21
C VAL D 37 -1.86 27.39 -9.26
N MET D 38 -0.97 26.65 -9.91
CA MET D 38 0.34 27.17 -10.29
C MET D 38 0.44 27.18 -11.82
N THR D 39 0.98 28.26 -12.37
CA THR D 39 1.12 28.43 -13.82
C THR D 39 2.56 28.80 -14.12
N HIS D 40 3.20 28.03 -15.04
CA HIS D 40 4.58 28.26 -15.42
C HIS D 40 4.71 28.12 -16.94
N ALA D 41 5.22 29.16 -17.60
CA ALA D 41 5.58 29.06 -19.02
C ALA D 41 6.93 28.36 -19.13
N LEU D 42 6.94 27.21 -19.82
CA LEU D 42 8.19 26.55 -20.15
C LEU D 42 8.88 27.28 -21.31
N GLU D 43 10.14 26.90 -21.59
CA GLU D 43 10.87 27.57 -22.66
C GLU D 43 10.42 27.06 -24.02
N TRP D 44 9.99 25.80 -24.07
CA TRP D 44 9.48 25.16 -25.27
C TRP D 44 8.27 24.37 -24.81
N PRO D 45 7.24 24.15 -25.66
CA PRO D 45 6.08 23.35 -25.24
C PRO D 45 6.41 21.87 -25.09
N SER D 46 5.64 21.21 -24.22
CA SER D 46 5.83 19.80 -23.95
C SER D 46 4.65 18.99 -24.44
N LEU D 47 4.94 17.87 -25.07
CA LEU D 47 3.93 16.90 -25.44
C LEU D 47 3.70 15.88 -24.35
N THR D 48 4.49 15.93 -23.29
CA THR D 48 4.58 14.83 -22.36
C THR D 48 4.64 15.39 -20.93
N ALA D 49 4.08 14.63 -19.99
CA ALA D 49 3.96 15.05 -18.59
C ALA D 49 3.77 13.81 -17.74
N GLN D 50 4.73 13.55 -16.84
CA GLN D 50 4.56 12.45 -15.93
C GLN D 50 5.23 12.79 -14.61
N TRP D 51 4.54 12.52 -13.52
CA TRP D 51 5.07 12.81 -12.19
C TRP D 51 6.03 11.71 -11.78
N LEU D 52 7.23 12.09 -11.35
CA LEU D 52 8.16 11.14 -10.75
C LEU D 52 7.62 10.69 -9.39
N PRO D 53 7.79 9.41 -9.00
CA PRO D 53 7.00 8.88 -7.88
C PRO D 53 7.51 9.27 -6.51
N ASP D 54 8.67 9.88 -6.42
CA ASP D 54 9.26 10.26 -5.14
C ASP D 54 8.78 11.64 -4.72
N VAL D 55 8.48 11.78 -3.44
CA VAL D 55 8.31 13.08 -2.81
C VAL D 55 9.44 13.24 -1.81
N THR D 56 10.09 14.38 -1.83
CA THR D 56 10.95 14.75 -0.71
C THR D 56 10.29 15.93 -0.02
N ARG D 57 9.51 15.65 0.99
CA ARG D 57 9.25 16.71 1.95
C ARG D 57 10.42 16.80 2.90
N PRO D 58 11.01 17.98 3.11
CA PRO D 58 11.64 18.23 4.41
C PRO D 58 10.56 18.34 5.48
N GLU D 59 10.99 18.08 6.73
CA GLU D 59 10.21 18.56 7.87
C GLU D 59 10.27 20.07 7.83
N GLY D 60 9.09 20.68 7.97
CA GLY D 60 8.86 22.06 7.63
C GLY D 60 9.03 22.39 6.14
N LYS D 61 9.44 23.66 5.94
CA LYS D 61 9.62 24.57 4.81
C LYS D 61 8.28 25.16 4.34
N ASP D 62 7.13 24.68 4.86
CA ASP D 62 5.74 24.77 4.37
C ASP D 62 5.55 24.23 2.94
N PHE D 63 6.41 23.33 2.45
CA PHE D 63 6.22 22.67 1.17
C PHE D 63 6.85 21.28 1.17
N SER D 64 6.48 20.52 0.15
CA SER D 64 7.15 19.31 -0.27
C SER D 64 7.59 19.46 -1.72
N ILE D 65 8.70 18.82 -2.08
CA ILE D 65 9.25 18.87 -3.43
C ILE D 65 8.75 17.67 -4.20
N HIS D 66 8.08 17.92 -5.30
CA HIS D 66 7.62 16.86 -6.20
C HIS D 66 8.27 17.06 -7.57
N ARG D 67 8.41 15.97 -8.34
CA ARG D 67 9.16 16.01 -9.59
C ARG D 67 8.34 15.53 -10.79
N LEU D 68 8.66 16.10 -11.97
CA LEU D 68 7.90 15.95 -13.21
C LEU D 68 8.79 15.75 -14.44
N VAL D 69 8.35 14.91 -15.39
CA VAL D 69 9.12 14.58 -16.59
C VAL D 69 8.52 15.26 -17.82
N LEU D 70 9.28 16.16 -18.43
CA LEU D 70 8.87 16.94 -19.61
C LEU D 70 9.79 16.63 -20.79
N GLY D 71 9.48 17.23 -21.93
CA GLY D 71 10.31 17.12 -23.12
C GLY D 71 10.01 18.31 -24.01
N THR D 72 10.83 18.50 -25.05
CA THR D 72 10.60 19.55 -26.02
C THR D 72 10.33 18.91 -27.38
N HIS D 73 9.69 19.64 -28.31
CA HIS D 73 9.38 19.01 -29.61
C HIS D 73 9.71 19.95 -30.78
N THR D 74 10.85 20.61 -30.72
CA THR D 74 11.17 21.65 -31.70
C THR D 74 12.19 21.14 -32.70
N SER D 75 12.15 21.73 -33.89
CA SER D 75 13.16 21.45 -34.90
C SER D 75 14.16 22.57 -35.05
N ASP D 76 13.94 23.70 -34.37
CA ASP D 76 14.80 24.86 -34.61
C ASP D 76 16.03 24.89 -33.74
N GLU D 77 15.94 24.33 -32.54
CA GLU D 77 17.01 24.34 -31.56
C GLU D 77 17.34 22.90 -31.18
N GLN D 78 18.36 22.76 -30.33
CA GLN D 78 18.68 21.50 -29.68
C GLN D 78 17.58 21.09 -28.70
N ASN D 79 17.03 19.89 -28.88
CA ASN D 79 15.95 19.38 -28.05
C ASN D 79 16.45 18.92 -26.70
N HIS D 80 15.52 18.74 -25.77
CA HIS D 80 15.92 18.49 -24.39
C HIS D 80 14.94 17.54 -23.70
N LEU D 81 15.46 16.81 -22.71
CA LEU D 81 14.67 16.06 -21.73
C LEU D 81 14.73 16.79 -20.39
N VAL D 82 13.58 17.13 -19.83
CA VAL D 82 13.49 18.08 -18.72
C VAL D 82 12.93 17.36 -17.48
N ILE D 83 13.64 17.48 -16.35
CA ILE D 83 13.04 17.23 -15.04
C ILE D 83 12.74 18.57 -14.36
N ALA D 84 11.47 18.81 -14.03
CA ALA D 84 11.09 19.98 -13.23
C ALA D 84 10.77 19.59 -11.79
N SER D 85 11.24 20.40 -10.84
CA SER D 85 10.82 20.31 -9.45
C SER D 85 9.69 21.29 -9.18
N VAL D 86 8.60 20.78 -8.60
CA VAL D 86 7.38 21.55 -8.32
C VAL D 86 7.09 21.47 -6.82
N GLN D 87 7.15 22.62 -6.14
CA GLN D 87 6.89 22.72 -4.71
C GLN D 87 5.40 22.90 -4.43
N LEU D 88 4.81 21.95 -3.70
CA LEU D 88 3.41 22.01 -3.33
C LEU D 88 3.28 22.28 -1.83
N PRO D 89 2.41 23.20 -1.39
CA PRO D 89 2.35 23.53 0.05
C PRO D 89 1.62 22.48 0.89
N ASN D 90 1.71 22.67 2.21
CA ASN D 90 1.03 21.80 3.16
C ASN D 90 -0.47 22.06 3.13
N ASP D 91 -1.23 21.04 3.54
CA ASP D 91 -2.68 21.20 3.68
C ASP D 91 -3.05 21.22 5.17
N LYS D 116 6.90 27.63 -5.93
CA LYS D 116 7.93 27.74 -6.96
C LYS D 116 7.96 26.56 -7.92
N ILE D 117 8.15 26.80 -9.21
CA ILE D 117 8.44 25.74 -10.18
C ILE D 117 9.75 26.11 -10.89
N GLU D 118 10.77 25.26 -10.71
CA GLU D 118 12.08 25.41 -11.35
C GLU D 118 12.43 24.17 -12.16
N ILE D 119 13.47 24.31 -12.99
CA ILE D 119 13.96 23.23 -13.85
C ILE D 119 15.17 22.59 -13.18
N GLU D 120 15.05 21.30 -12.86
CA GLU D 120 16.13 20.62 -12.16
C GLU D 120 17.21 20.16 -13.13
N ILE D 121 16.83 19.28 -14.07
CA ILE D 121 17.74 18.72 -15.06
C ILE D 121 17.26 19.11 -16.47
N LYS D 122 18.21 19.49 -17.33
CA LYS D 122 18.03 19.49 -18.78
C LYS D 122 19.10 18.62 -19.41
N ILE D 123 18.68 17.64 -20.21
CA ILE D 123 19.55 16.67 -20.84
C ILE D 123 19.24 16.68 -22.33
N ASN D 124 20.28 16.81 -23.17
CA ASN D 124 20.17 16.83 -24.62
C ASN D 124 19.65 15.53 -25.23
N HIS D 125 18.42 15.59 -25.70
CA HIS D 125 17.73 14.50 -26.37
C HIS D 125 17.96 14.59 -27.88
N GLU D 126 17.99 13.44 -28.54
CA GLU D 126 18.18 13.38 -29.99
C GLU D 126 16.81 13.37 -30.65
N GLY D 127 16.47 14.43 -31.37
CA GLY D 127 15.16 14.49 -31.98
C GLY D 127 14.09 14.95 -31.02
N GLU D 128 12.87 15.04 -31.56
CA GLU D 128 11.72 15.53 -30.83
C GLU D 128 11.26 14.50 -29.80
N VAL D 129 10.81 14.98 -28.65
CA VAL D 129 10.31 14.14 -27.56
C VAL D 129 8.80 14.06 -27.71
N ASN D 130 8.30 12.91 -28.17
CA ASN D 130 6.86 12.75 -28.29
C ASN D 130 6.21 12.29 -26.97
N ARG D 131 6.84 11.36 -26.26
CA ARG D 131 6.31 10.88 -24.99
C ARG D 131 7.45 10.37 -24.12
N ALA D 132 7.50 10.75 -22.85
CA ALA D 132 8.58 10.38 -21.94
C ALA D 132 8.02 9.75 -20.66
N ARG D 133 8.37 8.49 -20.41
CA ARG D 133 7.89 7.73 -19.26
C ARG D 133 9.03 7.11 -18.47
N TYR D 134 8.92 7.13 -17.13
CA TYR D 134 9.94 6.47 -16.32
C TYR D 134 9.66 4.97 -16.18
N MET D 135 10.71 4.20 -16.00
CA MET D 135 10.58 2.79 -15.65
C MET D 135 10.27 2.69 -14.16
N PRO D 136 9.25 1.91 -13.74
CA PRO D 136 8.89 1.86 -12.31
C PRO D 136 9.90 1.18 -11.42
N GLN D 137 10.66 0.23 -11.96
CA GLN D 137 11.61 -0.53 -11.18
C GLN D 137 12.93 0.21 -10.94
N ASN D 138 13.17 1.33 -11.67
CA ASN D 138 14.19 2.35 -11.37
C ASN D 138 13.74 3.65 -12.02
N PRO D 139 13.24 4.64 -11.25
CA PRO D 139 12.71 5.88 -11.87
C PRO D 139 13.76 6.85 -12.40
N CYS D 140 15.05 6.59 -12.19
CA CYS D 140 16.10 7.32 -12.89
C CYS D 140 16.18 6.98 -14.39
N ILE D 141 15.68 5.81 -14.81
CA ILE D 141 15.64 5.43 -16.21
C ILE D 141 14.35 5.97 -16.82
N ILE D 142 14.50 6.77 -17.87
CA ILE D 142 13.39 7.42 -18.57
C ILE D 142 13.41 6.90 -20.00
N ALA D 143 12.29 6.40 -20.51
CA ALA D 143 12.20 6.01 -21.92
C ALA D 143 11.51 7.11 -22.68
N THR D 144 12.05 7.49 -23.85
CA THR D 144 11.42 8.51 -24.68
C THR D 144 11.01 7.95 -26.03
N LYS D 145 9.90 8.44 -26.57
CA LYS D 145 9.46 8.08 -27.91
C LYS D 145 9.76 9.24 -28.87
N THR D 146 10.39 8.92 -29.98
CA THR D 146 10.79 9.90 -30.98
C THR D 146 9.90 9.76 -32.21
N PRO D 147 9.81 10.77 -33.10
CA PRO D 147 9.09 10.54 -34.38
C PRO D 147 9.81 9.64 -35.39
N SER D 148 11.08 9.31 -35.17
CA SER D 148 11.73 8.24 -35.89
C SER D 148 11.32 6.89 -35.30
N SER D 149 11.83 5.81 -35.91
CA SER D 149 11.32 4.47 -35.67
C SER D 149 11.89 3.78 -34.43
N ASP D 150 12.68 4.47 -33.61
CA ASP D 150 13.37 3.89 -32.46
C ASP D 150 12.82 4.51 -31.18
N VAL D 151 13.25 3.95 -30.05
CA VAL D 151 12.91 4.40 -28.70
C VAL D 151 14.22 4.69 -27.99
N LEU D 152 14.36 5.90 -27.44
CA LEU D 152 15.56 6.18 -26.65
C LEU D 152 15.31 5.93 -25.18
N VAL D 153 16.37 5.57 -24.47
CA VAL D 153 16.35 5.31 -23.04
C VAL D 153 17.48 6.13 -22.44
N PHE D 154 17.15 7.03 -21.52
CA PHE D 154 18.15 7.82 -20.82
C PHE D 154 18.18 7.40 -19.36
N ASP D 155 19.31 7.67 -18.71
CA ASP D 155 19.47 7.53 -17.26
C ASP D 155 20.01 8.89 -16.81
N TYR D 156 19.19 9.65 -16.05
CA TYR D 156 19.50 11.07 -15.79
C TYR D 156 20.64 11.26 -14.80
N THR D 157 20.97 10.24 -14.01
CA THR D 157 22.15 10.25 -13.16
C THR D 157 23.47 10.17 -13.93
N LYS D 158 23.45 9.69 -15.18
CA LYS D 158 24.65 9.55 -15.99
C LYS D 158 24.90 10.75 -16.91
N HIS D 159 24.34 11.92 -16.60
CA HIS D 159 24.46 13.07 -17.48
C HIS D 159 24.79 14.31 -16.70
N PRO D 160 25.38 15.33 -17.35
CA PRO D 160 25.40 16.67 -16.75
C PRO D 160 24.01 17.27 -16.63
N SER D 161 23.83 18.08 -15.57
CA SER D 161 22.51 18.58 -15.19
C SER D 161 22.02 19.68 -16.12
N LYS D 162 22.92 20.46 -16.69
CA LYS D 162 22.51 21.48 -17.65
C LYS D 162 23.47 21.43 -18.85
N PRO D 163 22.99 21.79 -20.05
CA PRO D 163 23.92 21.95 -21.19
C PRO D 163 24.53 23.34 -21.28
N ASP D 164 25.34 23.68 -20.29
CA ASP D 164 26.24 24.83 -20.36
C ASP D 164 27.36 24.61 -21.41
N PRO D 165 27.81 23.37 -21.72
CA PRO D 165 28.29 23.13 -23.08
C PRO D 165 27.23 23.42 -24.13
N SER D 166 27.61 24.25 -25.11
CA SER D 166 26.78 24.59 -26.27
C SER D 166 27.02 23.64 -27.45
N GLY D 167 27.31 22.35 -27.16
CA GLY D 167 27.39 21.30 -28.14
C GLY D 167 26.03 20.70 -28.35
N GLU D 168 25.32 21.30 -29.30
CA GLU D 168 24.12 20.72 -29.87
C GLU D 168 24.51 19.55 -30.75
N CYS D 169 23.57 18.60 -30.89
CA CYS D 169 23.63 17.66 -31.99
C CYS D 169 22.62 17.99 -33.10
N ASN D 170 21.95 19.17 -33.01
CA ASN D 170 20.78 19.52 -33.83
C ASN D 170 21.18 19.91 -35.26
N PRO D 171 20.54 19.34 -36.28
CA PRO D 171 20.90 19.65 -37.66
C PRO D 171 20.30 20.96 -38.14
N ASP D 172 20.63 21.31 -39.39
CA ASP D 172 20.06 22.48 -40.04
C ASP D 172 18.81 22.18 -40.82
N LEU D 173 18.70 20.97 -41.37
CA LEU D 173 17.44 20.52 -41.94
C LEU D 173 17.20 19.08 -41.50
N ARG D 174 15.98 18.63 -41.70
CA ARG D 174 15.57 17.31 -41.25
C ARG D 174 14.53 16.87 -42.25
N LEU D 175 14.88 15.93 -43.09
CA LEU D 175 14.05 15.62 -44.24
C LEU D 175 13.34 14.33 -43.90
N ARG D 176 12.07 14.48 -43.55
CA ARG D 176 11.27 13.40 -43.03
C ARG D 176 10.50 12.71 -44.15
N GLY D 177 10.70 11.40 -44.30
CA GLY D 177 9.83 10.63 -45.16
C GLY D 177 8.51 10.44 -44.45
N HIS D 178 7.43 10.27 -45.23
CA HIS D 178 6.09 10.40 -44.64
C HIS D 178 5.69 9.09 -43.97
N GLN D 179 5.93 9.03 -42.66
CA GLN D 179 5.49 7.92 -41.82
C GLN D 179 5.03 8.59 -40.54
N LYS D 180 3.72 8.75 -40.38
CA LYS D 180 3.16 9.37 -39.19
C LYS D 180 2.80 8.27 -38.20
N GLU D 181 3.35 8.36 -37.00
CA GLU D 181 3.17 7.31 -36.01
C GLU D 181 2.75 7.93 -34.68
N GLY D 182 2.08 7.10 -33.87
CA GLY D 182 1.53 7.56 -32.61
C GLY D 182 2.52 7.53 -31.47
N TYR D 183 2.01 7.94 -30.32
CA TYR D 183 2.87 8.37 -29.22
C TYR D 183 3.06 7.34 -28.13
N GLY D 184 2.38 6.19 -28.18
CA GLY D 184 2.25 5.33 -27.00
C GLY D 184 3.49 4.52 -26.64
N LEU D 185 3.76 4.45 -25.33
CA LEU D 185 4.98 3.86 -24.78
C LEU D 185 4.74 3.48 -23.32
N SER D 186 4.91 2.21 -22.96
CA SER D 186 4.54 1.74 -21.62
C SER D 186 5.44 0.64 -21.07
N TRP D 187 5.93 0.83 -19.85
CA TRP D 187 6.75 -0.16 -19.16
C TRP D 187 5.90 -1.17 -18.41
N ASN D 188 6.39 -2.39 -18.31
CA ASN D 188 5.68 -3.41 -17.54
C ASN D 188 5.97 -3.21 -16.06
N PRO D 189 4.95 -2.92 -15.23
CA PRO D 189 5.18 -2.77 -13.79
C PRO D 189 5.36 -4.09 -13.03
N ASN D 190 5.09 -5.24 -13.67
CA ASN D 190 5.20 -6.56 -13.09
C ASN D 190 6.35 -7.40 -13.67
N LEU D 191 7.02 -6.94 -14.75
CA LEU D 191 8.23 -7.57 -15.30
C LEU D 191 9.22 -6.49 -15.68
N SER D 192 10.36 -6.41 -15.00
CA SER D 192 11.31 -5.31 -15.14
C SER D 192 12.07 -5.36 -16.47
N GLY D 193 11.90 -4.33 -17.29
CA GLY D 193 12.58 -4.18 -18.55
C GLY D 193 11.71 -4.37 -19.76
N HIS D 194 10.53 -4.98 -19.60
CA HIS D 194 9.63 -5.25 -20.71
C HIS D 194 8.91 -3.96 -21.09
N LEU D 195 9.18 -3.44 -22.30
CA LEU D 195 8.75 -2.12 -22.70
C LEU D 195 8.04 -2.18 -24.05
N LEU D 196 6.83 -1.64 -24.11
CA LEU D 196 6.10 -1.58 -25.37
C LEU D 196 6.18 -0.19 -26.00
N SER D 197 5.97 -0.15 -27.32
CA SER D 197 5.86 1.10 -28.05
C SER D 197 5.06 0.93 -29.32
N ALA D 198 4.49 2.05 -29.76
CA ALA D 198 3.70 2.10 -30.97
C ALA D 198 4.65 2.21 -32.15
N SER D 199 4.73 1.15 -32.94
CA SER D 199 5.73 1.09 -33.99
C SER D 199 5.15 1.70 -35.28
N ASP D 200 6.00 1.80 -36.29
CA ASP D 200 5.78 2.79 -37.36
C ASP D 200 4.78 2.33 -38.42
N ASP D 201 4.89 1.10 -38.91
CA ASP D 201 3.96 0.58 -39.91
C ASP D 201 2.99 -0.40 -39.26
N HIS D 202 2.15 0.18 -38.39
CA HIS D 202 0.92 -0.40 -37.80
C HIS D 202 1.23 -1.58 -36.87
N THR D 203 2.40 -1.57 -36.25
CA THR D 203 2.79 -2.66 -35.37
C THR D 203 3.03 -2.12 -33.96
N ILE D 204 3.24 -3.06 -33.04
CA ILE D 204 3.62 -2.80 -31.66
C ILE D 204 4.87 -3.62 -31.41
N CYS D 205 5.91 -3.01 -30.85
CA CYS D 205 7.16 -3.70 -30.55
C CYS D 205 7.33 -3.91 -29.05
N LEU D 206 7.91 -5.06 -28.70
CA LEU D 206 8.31 -5.37 -27.34
C LEU D 206 9.83 -5.43 -27.27
N TRP D 207 10.40 -4.73 -26.31
CA TRP D 207 11.81 -4.83 -25.98
C TRP D 207 11.94 -5.36 -24.55
N ASP D 208 12.93 -6.22 -24.33
CA ASP D 208 13.29 -6.69 -22.99
C ASP D 208 14.69 -6.13 -22.75
N ILE D 209 14.79 -5.09 -21.92
CA ILE D 209 16.07 -4.43 -21.67
C ILE D 209 16.74 -4.96 -20.41
N SER D 210 16.21 -6.05 -19.83
CA SER D 210 16.78 -6.65 -18.62
C SER D 210 18.07 -7.39 -18.94
N ALA D 211 18.11 -8.10 -20.06
CA ALA D 211 19.36 -8.61 -20.62
C ALA D 211 19.86 -7.55 -21.60
N VAL D 212 20.68 -6.64 -21.07
CA VAL D 212 21.42 -5.63 -21.83
C VAL D 212 22.56 -6.32 -22.55
N PRO D 213 22.92 -5.91 -23.78
CA PRO D 213 24.10 -6.50 -24.45
C PRO D 213 25.42 -6.04 -23.82
N LYS D 214 26.51 -6.71 -24.25
CA LYS D 214 27.80 -6.64 -23.55
C LYS D 214 28.51 -5.29 -23.74
N GLU D 215 28.71 -4.85 -24.99
CA GLU D 215 29.12 -3.48 -25.31
C GLU D 215 28.41 -2.98 -26.56
N GLY D 216 27.14 -3.36 -26.76
CA GLY D 216 26.49 -2.95 -27.99
C GLY D 216 25.55 -1.77 -27.93
N LYS D 217 24.69 -1.71 -26.90
CA LYS D 217 23.70 -0.66 -26.54
C LYS D 217 22.61 -0.44 -27.60
N VAL D 218 22.43 -1.38 -28.51
CA VAL D 218 21.33 -1.44 -29.46
C VAL D 218 20.56 -2.67 -29.06
N VAL D 219 19.30 -2.50 -28.73
CA VAL D 219 18.44 -3.62 -28.36
C VAL D 219 17.44 -3.78 -29.48
N ASP D 220 17.48 -4.94 -30.13
CA ASP D 220 16.44 -5.22 -31.10
C ASP D 220 15.19 -5.72 -30.39
N ALA D 221 14.10 -5.79 -31.16
CA ALA D 221 12.79 -6.09 -30.58
C ALA D 221 12.66 -7.57 -30.28
N LYS D 222 12.10 -7.87 -29.11
CA LYS D 222 11.79 -9.24 -28.73
C LYS D 222 10.62 -9.76 -29.55
N THR D 223 9.51 -9.06 -29.54
CA THR D 223 8.32 -9.47 -30.25
C THR D 223 7.79 -8.28 -31.04
N ILE D 224 7.13 -8.55 -32.16
CA ILE D 224 6.52 -7.53 -33.00
C ILE D 224 5.08 -7.98 -33.25
N PHE D 225 4.12 -7.16 -32.83
CA PHE D 225 2.72 -7.55 -32.79
C PHE D 225 1.99 -6.89 -33.95
N THR D 226 1.43 -7.70 -34.85
CA THR D 226 1.03 -7.24 -36.18
C THR D 226 -0.49 -7.22 -36.38
N GLY D 227 -1.23 -6.73 -35.39
CA GLY D 227 -2.69 -6.86 -35.46
C GLY D 227 -3.50 -5.71 -36.01
N HIS D 228 -3.08 -4.48 -35.75
CA HIS D 228 -3.82 -3.31 -36.17
C HIS D 228 -3.62 -3.04 -37.66
N THR D 229 -4.64 -2.43 -38.29
CA THR D 229 -4.58 -2.11 -39.70
C THR D 229 -4.36 -0.62 -39.99
N ALA D 230 -4.33 0.21 -38.95
CA ALA D 230 -3.96 1.61 -39.14
C ALA D 230 -2.96 2.00 -38.06
N VAL D 231 -2.70 3.30 -37.90
CA VAL D 231 -1.59 3.83 -37.10
C VAL D 231 -1.90 3.68 -35.62
N VAL D 232 -1.05 2.93 -34.92
CA VAL D 232 -1.18 2.68 -33.49
C VAL D 232 -0.81 3.95 -32.73
N GLU D 233 -1.74 4.43 -31.89
CA GLU D 233 -1.53 5.68 -31.19
C GLU D 233 -1.10 5.52 -29.75
N ASP D 234 -1.77 4.64 -29.00
CA ASP D 234 -1.40 4.46 -27.60
C ASP D 234 -1.46 2.98 -27.25
N VAL D 235 -0.57 2.60 -26.34
CA VAL D 235 -0.42 1.24 -25.89
C VAL D 235 -0.18 1.29 -24.38
N SER D 236 -0.69 0.28 -23.66
CA SER D 236 -0.46 0.18 -22.22
C SER D 236 -0.48 -1.26 -21.73
N TRP D 237 0.47 -1.61 -20.86
CA TRP D 237 0.43 -2.87 -20.12
C TRP D 237 -0.70 -2.88 -19.10
N HIS D 238 -1.18 -4.08 -18.80
CA HIS D 238 -2.13 -4.27 -17.71
C HIS D 238 -1.40 -4.09 -16.39
N LEU D 239 -2.10 -3.52 -15.41
CA LEU D 239 -1.42 -3.16 -14.17
C LEU D 239 -1.27 -4.34 -13.23
N LEU D 240 -2.01 -5.42 -13.45
CA LEU D 240 -1.95 -6.56 -12.56
C LEU D 240 -1.33 -7.79 -13.20
N HIS D 241 -1.90 -8.28 -14.30
CA HIS D 241 -1.33 -9.41 -15.03
C HIS D 241 -0.17 -8.95 -15.91
N GLU D 242 0.94 -9.68 -15.84
CA GLU D 242 2.16 -9.31 -16.52
C GLU D 242 2.16 -9.64 -18.01
N SER D 243 1.24 -10.50 -18.45
CA SER D 243 1.20 -10.97 -19.83
C SER D 243 0.29 -10.14 -20.72
N LEU D 244 -0.65 -9.38 -20.15
CA LEU D 244 -1.71 -8.71 -20.89
C LEU D 244 -1.33 -7.26 -21.18
N PHE D 245 -1.67 -6.80 -22.39
CA PHE D 245 -1.62 -5.38 -22.69
C PHE D 245 -2.74 -4.98 -23.64
N GLY D 246 -3.00 -3.68 -23.67
CA GLY D 246 -3.99 -3.11 -24.56
C GLY D 246 -3.40 -2.08 -25.51
N SER D 247 -4.01 -1.97 -26.69
CA SER D 247 -3.53 -1.04 -27.70
C SER D 247 -4.74 -0.43 -28.41
N VAL D 248 -4.63 0.85 -28.77
CA VAL D 248 -5.65 1.56 -29.53
C VAL D 248 -5.00 2.20 -30.75
N ALA D 249 -5.79 2.39 -31.81
CA ALA D 249 -5.23 2.84 -33.07
C ALA D 249 -6.23 3.68 -33.84
N ASP D 250 -5.88 3.99 -35.08
CA ASP D 250 -6.71 4.78 -35.98
C ASP D 250 -7.63 3.92 -36.84
N ASP D 251 -7.67 2.60 -36.63
CA ASP D 251 -8.61 1.71 -37.31
C ASP D 251 -9.93 1.52 -36.54
N GLN D 252 -10.24 2.45 -35.61
CA GLN D 252 -11.37 2.48 -34.67
C GLN D 252 -11.40 1.25 -33.76
N LYS D 253 -10.25 0.67 -33.41
CA LYS D 253 -10.22 -0.61 -32.71
C LYS D 253 -9.40 -0.59 -31.44
N LEU D 254 -9.97 -1.16 -30.38
CA LEU D 254 -9.26 -1.53 -29.17
C LEU D 254 -8.93 -3.01 -29.21
N MET D 255 -7.65 -3.35 -29.02
CA MET D 255 -7.17 -4.72 -29.08
C MET D 255 -6.49 -5.09 -27.76
N ILE D 256 -6.76 -6.31 -27.29
CA ILE D 256 -6.29 -6.83 -26.01
C ILE D 256 -5.43 -8.06 -26.30
N TRP D 257 -4.20 -8.04 -25.83
CA TRP D 257 -3.18 -8.99 -26.24
C TRP D 257 -2.72 -9.84 -25.06
N ASP D 258 -1.95 -10.89 -25.37
CA ASP D 258 -1.33 -11.76 -24.38
C ASP D 258 0.01 -12.22 -24.94
N THR D 259 1.10 -12.00 -24.17
CA THR D 259 2.46 -12.29 -24.64
C THR D 259 2.77 -13.79 -24.66
N ARG D 260 2.00 -14.61 -23.95
CA ARG D 260 2.18 -16.06 -23.95
C ARG D 260 1.54 -16.74 -25.16
N SER D 261 0.74 -16.03 -25.95
CA SER D 261 0.16 -16.59 -27.16
C SER D 261 1.21 -16.73 -28.25
N ASN D 262 1.16 -17.86 -28.97
CA ASN D 262 2.13 -18.11 -30.03
C ASN D 262 1.86 -17.32 -31.30
N ASN D 263 0.63 -16.83 -31.51
CA ASN D 263 0.31 -16.05 -32.70
C ASN D 263 0.38 -14.57 -32.35
N THR D 264 1.41 -13.90 -32.85
CA THR D 264 1.58 -12.48 -32.61
C THR D 264 1.04 -11.64 -33.77
N SER D 265 0.24 -12.24 -34.65
CA SER D 265 -0.46 -11.51 -35.69
C SER D 265 -1.89 -11.17 -35.34
N LYS D 266 -2.53 -11.98 -34.50
CA LYS D 266 -3.87 -11.73 -34.04
C LYS D 266 -3.84 -11.52 -32.54
N PRO D 267 -4.55 -10.52 -32.01
CA PRO D 267 -4.69 -10.40 -30.56
C PRO D 267 -5.75 -11.36 -30.02
N SER D 268 -5.91 -11.31 -28.70
CA SER D 268 -6.89 -12.17 -28.04
C SER D 268 -8.31 -11.65 -28.23
N HIS D 269 -8.50 -10.32 -28.21
CA HIS D 269 -9.81 -9.72 -28.39
C HIS D 269 -9.70 -8.48 -29.27
N SER D 270 -10.77 -8.19 -30.01
CA SER D 270 -10.84 -7.02 -30.88
C SER D 270 -12.24 -6.41 -30.78
N VAL D 271 -12.31 -5.09 -30.60
CA VAL D 271 -13.57 -4.34 -30.47
C VAL D 271 -13.68 -3.37 -31.63
N ASP D 272 -14.90 -3.14 -32.14
CA ASP D 272 -15.19 -1.87 -32.81
C ASP D 272 -15.56 -0.84 -31.75
N ALA D 273 -14.55 -0.13 -31.26
CA ALA D 273 -14.65 0.66 -30.04
C ALA D 273 -15.36 1.99 -30.26
N HIS D 274 -14.87 2.77 -31.22
CA HIS D 274 -15.32 4.13 -31.43
C HIS D 274 -15.69 4.33 -32.89
N THR D 275 -16.19 5.52 -33.19
CA THR D 275 -16.54 5.87 -34.55
C THR D 275 -15.47 6.71 -35.24
N ALA D 276 -14.35 6.98 -34.58
CA ALA D 276 -13.23 7.68 -35.21
C ALA D 276 -11.94 7.13 -34.61
N GLU D 277 -10.87 7.93 -34.69
CA GLU D 277 -9.54 7.52 -34.28
C GLU D 277 -9.39 7.43 -32.76
N VAL D 278 -8.94 6.27 -32.29
CA VAL D 278 -8.77 6.05 -30.86
C VAL D 278 -7.35 6.42 -30.46
N ASN D 279 -7.21 7.40 -29.57
CA ASN D 279 -5.92 8.04 -29.32
C ASN D 279 -5.28 7.71 -27.98
N CYS D 280 -6.04 7.18 -27.01
CA CYS D 280 -5.53 6.94 -25.66
C CYS D 280 -6.32 5.85 -24.97
N LEU D 281 -5.65 5.14 -24.05
CA LEU D 281 -6.33 4.19 -23.16
C LEU D 281 -5.65 4.16 -21.80
N SER D 282 -6.42 3.83 -20.76
CA SER D 282 -5.88 3.70 -19.41
C SER D 282 -6.63 2.61 -18.66
N PHE D 283 -5.89 1.67 -18.09
CA PHE D 283 -6.47 0.63 -17.24
C PHE D 283 -6.72 1.14 -15.83
N ASN D 284 -7.80 0.64 -15.23
CA ASN D 284 -8.19 1.02 -13.87
C ASN D 284 -7.26 0.35 -12.87
N PRO D 285 -6.71 1.08 -11.90
CA PRO D 285 -5.82 0.44 -10.92
C PRO D 285 -6.54 -0.27 -9.80
N TYR D 286 -7.85 -0.14 -9.69
CA TYR D 286 -8.62 -0.74 -8.60
C TYR D 286 -9.47 -1.90 -9.09
N SER D 287 -9.75 -1.96 -10.38
CA SER D 287 -10.55 -3.01 -10.98
C SER D 287 -9.79 -3.50 -12.19
N GLU D 288 -9.45 -4.79 -12.18
CA GLU D 288 -8.58 -5.39 -13.18
C GLU D 288 -9.28 -5.65 -14.51
N PHE D 289 -10.61 -5.61 -14.55
CA PHE D 289 -11.38 -5.84 -15.77
C PHE D 289 -11.80 -4.55 -16.45
N ILE D 290 -11.58 -3.42 -15.80
CA ILE D 290 -12.17 -2.15 -16.20
C ILE D 290 -11.06 -1.31 -16.81
N LEU D 291 -11.35 -0.69 -17.96
CA LEU D 291 -10.43 0.24 -18.60
C LEU D 291 -11.27 1.30 -19.30
N ALA D 292 -10.59 2.28 -19.88
CA ALA D 292 -11.29 3.38 -20.52
C ALA D 292 -10.49 3.90 -21.72
N THR D 293 -11.17 4.07 -22.85
CA THR D 293 -10.54 4.54 -24.08
C THR D 293 -11.16 5.87 -24.48
N GLY D 294 -10.33 6.87 -24.79
CA GLY D 294 -10.79 8.16 -25.28
C GLY D 294 -10.32 8.38 -26.70
N SER D 295 -11.06 9.19 -27.45
CA SER D 295 -10.95 9.11 -28.91
C SER D 295 -11.40 10.40 -29.58
N ALA D 296 -11.33 10.38 -30.91
CA ALA D 296 -11.60 11.52 -31.78
C ALA D 296 -13.07 11.72 -32.08
N ASP D 297 -13.95 10.87 -31.56
CA ASP D 297 -15.40 11.08 -31.65
C ASP D 297 -15.97 11.90 -30.48
N LYS D 298 -15.08 12.52 -29.67
CA LYS D 298 -15.28 13.30 -28.44
C LYS D 298 -15.92 12.48 -27.31
N THR D 299 -15.76 11.16 -27.32
CA THR D 299 -16.31 10.31 -26.27
C THR D 299 -15.16 9.60 -25.58
N VAL D 300 -15.33 9.38 -24.27
CA VAL D 300 -14.54 8.40 -23.55
C VAL D 300 -15.43 7.19 -23.36
N ALA D 301 -14.99 6.05 -23.84
CA ALA D 301 -15.74 4.82 -23.67
C ALA D 301 -15.31 4.13 -22.39
N LEU D 302 -16.18 3.26 -21.86
CA LEU D 302 -15.89 2.45 -20.69
C LEU D 302 -16.09 0.98 -21.03
N TRP D 303 -15.14 0.14 -20.60
CA TRP D 303 -15.02 -1.24 -21.06
C TRP D 303 -14.86 -2.22 -19.92
N ASP D 304 -15.61 -3.32 -19.96
CA ASP D 304 -15.25 -4.51 -19.20
C ASP D 304 -14.43 -5.44 -20.08
N LEU D 305 -13.45 -6.10 -19.47
CA LEU D 305 -12.59 -7.02 -20.22
C LEU D 305 -13.27 -8.35 -20.50
N ARG D 306 -14.18 -8.77 -19.63
CA ARG D 306 -14.81 -10.07 -19.80
C ARG D 306 -15.99 -10.03 -20.77
N ASN D 307 -16.47 -8.85 -21.14
CA ASN D 307 -17.40 -8.71 -22.26
C ASN D 307 -17.10 -7.37 -22.93
N LEU D 308 -16.26 -7.42 -23.96
CA LEU D 308 -15.88 -6.22 -24.69
C LEU D 308 -16.91 -5.81 -25.74
N LYS D 309 -17.90 -6.66 -26.02
CA LYS D 309 -18.94 -6.35 -27.00
C LYS D 309 -19.96 -5.33 -26.49
N LEU D 310 -20.04 -5.09 -25.17
CA LEU D 310 -20.86 -4.03 -24.59
C LEU D 310 -19.94 -2.93 -24.07
N LYS D 311 -20.01 -1.76 -24.71
CA LYS D 311 -19.48 -0.54 -24.12
C LYS D 311 -20.32 -0.18 -22.91
N LEU D 312 -19.66 -0.03 -21.75
CA LEU D 312 -20.39 0.23 -20.51
C LEU D 312 -20.92 1.66 -20.44
N HIS D 313 -20.10 2.66 -20.73
CA HIS D 313 -20.59 4.04 -20.70
C HIS D 313 -19.82 4.88 -21.69
N SER D 314 -20.52 5.82 -22.32
CA SER D 314 -19.94 6.82 -23.20
C SER D 314 -19.98 8.15 -22.46
N PHE D 315 -18.82 8.63 -22.01
CA PHE D 315 -18.72 9.95 -21.39
C PHE D 315 -18.71 11.01 -22.46
N GLU D 316 -19.70 11.91 -22.44
CA GLU D 316 -19.83 12.95 -23.47
C GLU D 316 -19.91 14.32 -22.83
N SER D 317 -18.81 15.08 -22.91
CA SER D 317 -18.81 16.53 -22.75
C SER D 317 -17.66 17.21 -23.48
N HIS D 318 -16.76 16.47 -24.12
CA HIS D 318 -15.67 17.11 -24.86
C HIS D 318 -16.20 17.64 -26.18
N LYS D 319 -15.63 18.75 -26.60
CA LYS D 319 -16.08 19.42 -27.81
C LYS D 319 -15.19 19.09 -29.00
N ASP D 320 -14.00 18.55 -28.76
CA ASP D 320 -13.07 18.17 -29.82
C ASP D 320 -12.36 16.87 -29.39
N GLU D 321 -11.32 16.55 -30.15
CA GLU D 321 -10.64 15.26 -30.10
C GLU D 321 -9.83 15.05 -28.83
N ILE D 322 -10.05 13.89 -28.17
CA ILE D 322 -9.44 13.53 -26.88
C ILE D 322 -8.10 12.85 -27.12
N PHE D 323 -7.04 13.33 -26.46
CA PHE D 323 -5.71 12.77 -26.63
C PHE D 323 -5.12 12.10 -25.40
N GLN D 324 -5.75 12.18 -24.22
CA GLN D 324 -5.23 11.56 -23.02
C GLN D 324 -6.41 11.21 -22.11
N VAL D 325 -6.40 10.00 -21.52
CA VAL D 325 -7.33 9.62 -20.46
C VAL D 325 -6.53 8.97 -19.33
N GLN D 326 -6.79 9.39 -18.06
CA GLN D 326 -6.06 8.82 -16.92
C GLN D 326 -6.98 8.56 -15.73
N TRP D 327 -6.75 7.45 -15.04
CA TRP D 327 -7.48 7.15 -13.83
C TRP D 327 -6.81 7.79 -12.64
N SER D 328 -7.64 8.17 -11.66
CA SER D 328 -7.13 8.66 -10.40
C SER D 328 -6.45 7.52 -9.65
N PRO D 329 -5.22 7.71 -9.18
CA PRO D 329 -4.58 6.70 -8.35
C PRO D 329 -5.07 6.70 -6.92
N HIS D 330 -5.78 7.74 -6.47
CA HIS D 330 -6.33 7.76 -5.12
C HIS D 330 -7.81 7.44 -5.08
N ASN D 331 -8.47 7.32 -6.23
CA ASN D 331 -9.91 7.06 -6.24
C ASN D 331 -10.26 6.15 -7.38
N GLU D 332 -11.02 5.09 -7.05
CA GLU D 332 -11.50 4.09 -8.01
C GLU D 332 -12.44 4.70 -9.04
N THR D 333 -13.30 5.57 -8.58
CA THR D 333 -14.47 6.07 -9.26
C THR D 333 -14.17 7.22 -10.23
N ILE D 334 -12.94 7.71 -10.27
CA ILE D 334 -12.62 9.03 -10.81
C ILE D 334 -11.67 8.85 -11.98
N LEU D 335 -12.03 9.39 -13.15
CA LEU D 335 -11.14 9.45 -14.30
C LEU D 335 -11.15 10.85 -14.89
N ALA D 336 -10.12 11.16 -15.64
CA ALA D 336 -10.06 12.46 -16.28
C ALA D 336 -9.65 12.33 -17.74
N SER D 337 -10.09 13.26 -18.57
CA SER D 337 -9.75 13.20 -19.98
C SER D 337 -9.42 14.58 -20.51
N SER D 338 -8.55 14.64 -21.54
CA SER D 338 -8.15 15.91 -22.11
C SER D 338 -7.83 15.76 -23.59
N GLY D 339 -7.69 16.91 -24.27
CA GLY D 339 -7.38 16.93 -25.70
C GLY D 339 -7.45 18.28 -26.40
N THR D 340 -8.01 18.27 -27.62
CA THR D 340 -7.92 19.41 -28.54
C THR D 340 -8.84 20.57 -28.17
N ASP D 341 -9.89 20.33 -27.36
CA ASP D 341 -10.91 21.34 -27.08
C ASP D 341 -10.52 22.34 -25.98
N ARG D 342 -9.27 22.30 -25.48
CA ARG D 342 -8.60 23.05 -24.41
C ARG D 342 -9.14 22.75 -23.01
N ARG D 343 -9.93 21.70 -22.86
CA ARG D 343 -10.64 21.39 -21.64
C ARG D 343 -10.10 20.06 -21.10
N LEU D 344 -9.84 20.03 -19.80
CA LEU D 344 -9.60 18.78 -19.09
C LEU D 344 -10.85 18.47 -18.29
N ASN D 345 -11.64 17.53 -18.78
CA ASN D 345 -12.78 17.02 -18.05
C ASN D 345 -12.29 16.08 -16.96
N VAL D 346 -13.04 16.01 -15.85
CA VAL D 346 -12.82 15.05 -14.77
C VAL D 346 -14.16 14.38 -14.50
N TRP D 347 -14.23 13.07 -14.73
CA TRP D 347 -15.46 12.32 -14.64
C TRP D 347 -15.54 11.55 -13.32
N ASP D 348 -16.78 11.24 -12.90
CA ASP D 348 -17.08 10.47 -11.68
C ASP D 348 -18.10 9.39 -12.00
N LEU D 349 -17.67 8.12 -11.95
CA LEU D 349 -18.48 6.94 -12.26
C LEU D 349 -19.64 6.68 -11.32
N SER D 350 -19.59 7.21 -10.09
CA SER D 350 -20.63 6.93 -9.12
C SER D 350 -21.86 7.81 -9.26
N LYS D 351 -21.88 8.74 -10.23
CA LYS D 351 -23.02 9.61 -10.47
C LYS D 351 -23.72 9.31 -11.79
N ILE D 352 -23.37 8.18 -12.43
CA ILE D 352 -23.98 7.76 -13.69
C ILE D 352 -25.43 7.33 -13.45
N GLY D 353 -26.35 7.86 -14.24
CA GLY D 353 -27.73 7.52 -14.08
C GLY D 353 -28.44 8.32 -13.01
N GLU D 354 -27.82 9.39 -12.50
CA GLU D 354 -28.44 10.26 -11.52
C GLU D 354 -29.60 11.06 -12.11
N GLU D 355 -30.54 11.39 -11.25
CA GLU D 355 -31.62 12.29 -11.60
C GLU D 355 -31.07 13.71 -11.73
N GLN D 356 -31.63 14.46 -12.67
CA GLN D 356 -31.03 15.72 -13.06
C GLN D 356 -32.15 16.67 -13.44
N SER D 357 -31.90 17.95 -13.23
CA SER D 357 -32.82 18.99 -13.69
C SER D 357 -32.48 19.31 -15.15
N PRO D 358 -33.37 20.02 -15.88
CA PRO D 358 -32.96 20.60 -17.19
C PRO D 358 -31.80 21.60 -17.09
N GLU D 359 -31.77 22.39 -16.01
CA GLU D 359 -30.71 23.39 -15.80
C GLU D 359 -29.37 22.76 -15.39
N ASP D 360 -29.35 21.55 -14.80
CA ASP D 360 -28.06 20.86 -14.57
C ASP D 360 -27.58 20.14 -15.82
N ALA D 361 -28.50 19.62 -16.65
CA ALA D 361 -28.14 18.84 -17.84
C ALA D 361 -27.60 19.69 -18.98
N GLU D 362 -27.85 21.02 -18.94
CA GLU D 362 -27.22 22.00 -19.81
C GLU D 362 -25.70 21.99 -19.68
N ASP D 363 -25.21 21.88 -18.45
CA ASP D 363 -23.77 21.98 -18.23
C ASP D 363 -23.06 20.67 -18.49
N GLY D 364 -23.79 19.57 -18.63
CA GLY D 364 -23.23 18.30 -18.99
C GLY D 364 -23.94 17.14 -18.32
N PRO D 365 -23.33 15.94 -18.37
CA PRO D 365 -23.93 14.77 -17.73
C PRO D 365 -23.70 14.79 -16.23
N PRO D 366 -24.44 13.99 -15.41
CA PRO D 366 -24.21 14.04 -13.96
C PRO D 366 -22.91 13.39 -13.51
N GLU D 367 -22.31 12.54 -14.35
CA GLU D 367 -20.98 12.00 -14.11
C GLU D 367 -19.86 13.01 -14.32
N LEU D 368 -20.12 14.14 -14.99
CA LEU D 368 -19.12 15.18 -15.17
C LEU D 368 -18.97 15.95 -13.86
N LEU D 369 -17.85 15.73 -13.17
CA LEU D 369 -17.58 16.43 -11.93
C LEU D 369 -16.95 17.80 -12.16
N PHE D 370 -16.08 17.93 -13.16
CA PHE D 370 -15.22 19.10 -13.25
C PHE D 370 -14.70 19.26 -14.66
N ILE D 371 -14.78 20.49 -15.17
CA ILE D 371 -14.11 20.93 -16.39
C ILE D 371 -13.02 21.90 -15.92
N HIS D 372 -11.76 21.62 -16.29
CA HIS D 372 -10.64 22.45 -15.85
C HIS D 372 -10.61 23.81 -16.58
N GLY D 373 -10.19 23.84 -17.83
CA GLY D 373 -10.30 25.09 -18.56
C GLY D 373 -9.26 26.16 -18.29
N GLY D 374 -8.09 25.81 -17.81
CA GLY D 374 -7.05 26.81 -17.64
C GLY D 374 -6.22 27.03 -18.89
N HIS D 375 -6.33 26.05 -19.79
CA HIS D 375 -5.54 26.06 -20.99
C HIS D 375 -6.28 26.80 -22.10
N THR D 376 -5.52 27.60 -22.85
CA THR D 376 -5.97 28.35 -24.01
C THR D 376 -5.49 27.73 -25.32
N ALA D 377 -4.72 26.64 -25.24
CA ALA D 377 -4.26 25.85 -26.38
C ALA D 377 -4.56 24.39 -26.05
N LYS D 378 -4.32 23.51 -27.04
CA LYS D 378 -4.65 22.08 -26.95
C LYS D 378 -3.76 21.40 -25.91
N ILE D 379 -4.41 20.76 -24.95
CA ILE D 379 -3.74 20.01 -23.90
C ILE D 379 -3.14 18.77 -24.53
N SER D 380 -1.84 18.58 -24.35
CA SER D 380 -1.18 17.44 -25.00
C SER D 380 -1.14 16.21 -24.11
N ASP D 381 -0.94 16.39 -22.80
CA ASP D 381 -0.74 15.29 -21.85
C ASP D 381 -1.09 15.79 -20.45
N PHE D 382 -1.47 14.87 -19.57
CA PHE D 382 -1.58 15.19 -18.15
C PHE D 382 -1.27 13.98 -17.29
N SER D 383 -0.75 14.24 -16.09
CA SER D 383 -0.52 13.18 -15.11
C SER D 383 -1.08 13.59 -13.75
N TRP D 384 -1.69 12.62 -13.06
CA TRP D 384 -2.15 12.81 -11.69
C TRP D 384 -1.00 12.57 -10.73
N ASN D 385 -0.91 13.39 -9.68
CA ASN D 385 0.15 13.25 -8.68
C ASN D 385 -0.08 12.02 -7.80
N PRO D 386 0.91 11.14 -7.63
CA PRO D 386 0.68 9.92 -6.83
C PRO D 386 0.79 10.13 -5.35
N ASN D 387 1.29 11.28 -4.88
CA ASN D 387 1.60 11.51 -3.48
C ASN D 387 0.74 12.58 -2.81
N GLU D 388 0.21 13.54 -3.56
CA GLU D 388 -0.84 14.45 -3.11
C GLU D 388 -2.10 14.16 -3.89
N PRO D 389 -3.23 13.83 -3.21
CA PRO D 389 -4.45 13.47 -3.93
C PRO D 389 -5.11 14.70 -4.55
N TRP D 390 -5.74 14.47 -5.72
CA TRP D 390 -6.44 15.38 -6.64
C TRP D 390 -5.56 16.42 -7.36
N VAL D 391 -4.25 16.42 -7.16
CA VAL D 391 -3.35 17.37 -7.81
C VAL D 391 -2.98 16.85 -9.21
N ILE D 392 -3.21 17.65 -10.25
CA ILE D 392 -2.91 17.27 -11.63
C ILE D 392 -1.92 18.26 -12.22
N CYS D 393 -0.85 17.77 -12.86
CA CYS D 393 -0.10 18.59 -13.82
C CYS D 393 -0.62 18.36 -15.24
N SER D 394 -0.98 19.45 -15.95
CA SER D 394 -1.39 19.38 -17.35
C SER D 394 -0.62 20.41 -18.21
N VAL D 395 -0.22 20.00 -19.43
CA VAL D 395 0.66 20.80 -20.30
C VAL D 395 -0.01 21.04 -21.65
N SER D 396 0.14 22.25 -22.17
CA SER D 396 -0.43 22.60 -23.47
C SER D 396 0.62 23.19 -24.40
N GLU D 397 0.18 23.49 -25.62
CA GLU D 397 1.06 23.77 -26.75
C GLU D 397 1.47 25.23 -26.87
N ASP D 398 1.06 26.06 -25.92
CA ASP D 398 1.42 27.46 -25.90
C ASP D 398 2.47 27.74 -24.82
N ASN D 399 3.30 26.72 -24.55
CA ASN D 399 4.33 26.54 -23.52
C ASN D 399 3.82 26.46 -22.08
N ILE D 400 2.50 26.42 -21.85
CA ILE D 400 1.95 26.47 -20.50
C ILE D 400 2.02 25.08 -19.88
N MET D 401 2.70 24.99 -18.74
CA MET D 401 2.46 23.93 -17.78
C MET D 401 1.64 24.50 -16.62
N GLN D 402 0.55 23.80 -16.27
CA GLN D 402 -0.26 24.15 -15.11
C GLN D 402 -0.23 22.98 -14.12
N VAL D 403 0.03 23.29 -12.86
CA VAL D 403 -0.10 22.35 -11.74
C VAL D 403 -1.26 22.85 -10.88
N TRP D 404 -2.32 22.06 -10.76
CA TRP D 404 -3.57 22.55 -10.20
C TRP D 404 -4.24 21.50 -9.33
N GLN D 405 -5.22 21.95 -8.53
CA GLN D 405 -6.05 21.06 -7.71
C GLN D 405 -7.37 21.75 -7.42
N MET D 406 -8.48 21.09 -7.79
CA MET D 406 -9.84 21.60 -7.61
C MET D 406 -10.20 21.60 -6.12
N ALA D 407 -11.21 22.42 -5.80
CA ALA D 407 -11.55 22.75 -4.42
C ALA D 407 -12.14 21.54 -3.68
N GLU D 408 -11.87 21.53 -2.36
CA GLU D 408 -12.11 20.37 -1.51
C GLU D 408 -13.60 20.12 -1.30
N ASN D 409 -14.41 21.18 -1.43
CA ASN D 409 -15.86 21.09 -1.30
C ASN D 409 -16.51 20.43 -2.51
N ILE D 410 -15.86 20.47 -3.67
CA ILE D 410 -16.53 19.96 -4.85
C ILE D 410 -16.37 18.43 -4.96
N TYR D 411 -15.31 17.83 -4.41
CA TYR D 411 -15.12 16.40 -4.60
C TYR D 411 -15.61 15.58 -3.43
N ASN D 412 -15.92 16.24 -2.30
CA ASN D 412 -16.32 15.60 -1.06
C ASN D 412 -17.82 15.63 -0.84
N ASP D 413 -18.56 16.15 -1.85
CA ASP D 413 -20.03 16.35 -1.87
C ASP D 413 -20.51 17.19 -0.69
N GLU D 414 -19.76 18.25 -0.40
CA GLU D 414 -19.98 19.02 0.82
C GLU D 414 -20.09 20.51 0.50
N ASP D 415 -21.08 21.18 1.08
CA ASP D 415 -21.26 22.64 0.90
C ASP D 415 -22.03 23.25 2.10
#